data_6M4D
#
_entry.id   6M4D
#
_cell.length_a   1.00
_cell.length_b   1.00
_cell.length_c   1.00
_cell.angle_alpha   90.00
_cell.angle_beta   90.00
_cell.angle_gamma   90.00
#
_symmetry.space_group_name_H-M   'P 1'
#
loop_
_entity.id
_entity.type
_entity.pdbx_description
1 polymer 'Histone H3.1'
2 polymer 'Histone H4'
3 polymer 'Histone H2A.V'
4 polymer 'Histone H2B type 2-E'
5 polymer 'DNA (125-MER)'
6 polymer 'DNA (125-MER)'
#
loop_
_entity_poly.entity_id
_entity_poly.type
_entity_poly.pdbx_seq_one_letter_code
_entity_poly.pdbx_strand_id
1 'polypeptide(L)'
;MARTKQTARKSTGGKAPRKQLATKAARKSAPATGGVKKPHRYRPGTVALREIRRYQKSTELLIRKLPFQRLVREIAQDFK
TDLRFQSSAVMALQEACEAYLVGLFEDTNLCAIHAKRVTIMPKDIQLARRIRGERA
;
A,E
2 'polypeptide(L)'
;MSGRGKGGKGLGKGGAKRHRKVLRDNIQGITKPAIRRLARRGGVKRISGLIYEETRGVLKVFLENVIRDAVTYTEHAKRK
TVTAMDVVYALKRQGRTLYGFGG
;
B,F
3 'polypeptide(L)'
;MAGGKAGKDSGKAKAKAVSRSQRAGLQFPVGRIHRHLKTRTTSHGRVGATAAVYSAAILEYLTAEVLELAGNASKDLKVK
RITPRHLQLAIRGDEELDSLIKATIAGGEKRRCS
;
C,G
4 'polypeptide(L)'
;MPEPAKSAPAPKKGSKKAVTKAQKKDGKKRKRSRKESYSIYVYKVLKQVHPDTGISSKAMGIMNSFVNDIFERIAGEASR
LAHYNKRSTITSREIQTAVRLLLPGELAKHAVSEGTKAVTKYTSSK
;
D,H
5 'polydeoxyribonucleotide'
;(DA)(DT)(DC)(DG)(DA)(DG)(DA)(DA)(DT)(DC)(DC)(DC)(DG)(DG)(DT)(DG)(DC)(DC)(DG)(DA)
(DG)(DG)(DC)(DC)(DG)(DC)(DT)(DC)(DA)(DA)(DT)(DT)(DG)(DG)(DT)(DC)(DG)(DT)(DA)(DG)
(DA)(DC)(DA)(DG)(DC)(DT)(DC)(DT)(DA)(DG)(DC)(DA)(DC)(DC)(DG)(DC)(DT)(DT)(DA)(DA)
(DA)(DC)(DG)(DC)(DA)(DC)(DG)(DT)(DA)(DC)(DG)(DC)(DG)(DC)(DT)(DG)(DT)(DC)(DC)(DC)
(DC)(DC)(DG)(DC)(DG)(DT)(DT)(DT)(DT)(DA)(DA)(DC)(DC)(DG)(DC)(DC)(DA)(DA)(DG)(DG)
(DG)(DG)(DA)(DT)(DT)(DA)(DC)(DT)(DC)(DC)(DC)(DT)(DA)(DG)(DT)(DC)(DT)(DC)(DC)(DA)
(DG)(DG)(DC)(DA)(DC)(DG)(DT)(DG)(DT)(DC)(DA)(DG)(DA)(DT)(DA)(DT)(DA)(DT)(DA)(DC)
(DA)(DT)(DC)(DC)(DG)(DA)(DT)
;
I
6 'polydeoxyribonucleotide'
;(DA)(DT)(DC)(DG)(DG)(DA)(DT)(DG)(DT)(DA)(DT)(DA)(DT)(DA)(DT)(DC)(DT)(DG)(DA)(DC)
(DA)(DC)(DG)(DT)(DG)(DC)(DC)(DT)(DG)(DG)(DA)(DG)(DA)(DC)(DT)(DA)(DG)(DG)(DG)(DA)
(DG)(DT)(DA)(DA)(DT)(DC)(DC)(DC)(DC)(DT)(DT)(DG)(DG)(DC)(DG)(DG)(DT)(DT)(DA)(DA)
(DA)(DA)(DC)(DG)(DC)(DG)(DG)(DG)(DG)(DG)(DA)(DC)(DA)(DG)(DC)(DG)(DC)(DG)(DT)(DA)
(DC)(DG)(DT)(DG)(DC)(DG)(DT)(DT)(DT)(DA)(DA)(DG)(DC)(DG)(DG)(DT)(DG)(DC)(DT)(DA)
(DG)(DA)(DG)(DC)(DT)(DG)(DT)(DC)(DT)(DA)(DC)(DG)(DA)(DC)(DC)(DA)(DA)(DT)(DT)(DG)
(DA)(DG)(DC)(DG)(DG)(DC)(DC)(DT)(DC)(DG)(DG)(DC)(DA)(DC)(DC)(DG)(DG)(DG)(DA)(DT)
(DT)(DC)(DT)(DC)(DG)(DA)(DT)
;
J
#
# COMPACT_ATOMS: atom_id res chain seq x y z
N GLU A 60 18.22 25.38 0.50
CA GLU A 60 16.87 25.50 1.02
C GLU A 60 15.86 25.01 -0.01
N LEU A 61 14.63 25.50 0.10
CA LEU A 61 13.58 25.12 -0.83
C LEU A 61 13.49 26.13 -1.96
N LEU A 62 12.76 25.75 -3.01
CA LEU A 62 12.84 26.45 -4.29
C LEU A 62 11.61 27.25 -4.65
N ILE A 63 10.54 27.18 -3.85
CA ILE A 63 9.31 27.91 -4.13
C ILE A 63 9.15 29.02 -3.12
N ARG A 64 8.75 30.20 -3.59
CA ARG A 64 8.48 31.31 -2.69
C ARG A 64 7.29 30.96 -1.80
N LYS A 65 7.44 31.20 -0.50
CA LYS A 65 6.48 30.69 0.46
C LYS A 65 5.11 31.33 0.27
N LEU A 66 5.04 32.66 0.25
CA LEU A 66 3.75 33.33 0.19
C LEU A 66 2.90 32.94 -1.01
N PRO A 67 3.44 32.78 -2.22
CA PRO A 67 2.62 32.19 -3.29
C PRO A 67 2.05 30.85 -2.90
N PHE A 68 2.86 30.01 -2.25
CA PHE A 68 2.38 28.72 -1.82
C PHE A 68 1.27 28.86 -0.80
N GLN A 69 1.38 29.84 0.09
CA GLN A 69 0.31 30.07 1.07
C GLN A 69 -0.98 30.43 0.37
N ARG A 70 -0.90 31.40 -0.55
CA ARG A 70 -2.07 31.77 -1.34
C ARG A 70 -2.71 30.54 -1.96
N LEU A 71 -1.89 29.68 -2.57
CA LEU A 71 -2.46 28.54 -3.30
C LEU A 71 -3.06 27.53 -2.33
N VAL A 72 -2.35 27.23 -1.24
CA VAL A 72 -2.84 26.26 -0.28
C VAL A 72 -4.15 26.74 0.32
N ARG A 73 -4.24 28.04 0.62
CA ARG A 73 -5.49 28.55 1.16
C ARG A 73 -6.61 28.43 0.14
N GLU A 74 -6.35 28.76 -1.12
CA GLU A 74 -7.40 28.60 -2.13
C GLU A 74 -7.90 27.17 -2.19
N ILE A 75 -6.96 26.22 -2.22
CA ILE A 75 -7.34 24.84 -2.42
C ILE A 75 -8.07 24.31 -1.20
N ALA A 76 -7.63 24.69 0.01
CA ALA A 76 -8.42 24.27 1.15
C ALA A 76 -9.77 24.97 1.11
N GLN A 77 -9.80 26.19 0.57
CA GLN A 77 -10.99 27.00 0.55
C GLN A 77 -12.14 26.27 -0.09
N ASP A 78 -11.87 25.63 -1.24
CA ASP A 78 -13.03 25.00 -1.87
C ASP A 78 -13.61 23.85 -1.04
N PHE A 79 -13.01 23.53 0.10
CA PHE A 79 -13.43 22.43 0.96
C PHE A 79 -14.07 22.89 2.26
N LYS A 80 -13.56 23.97 2.86
CA LYS A 80 -14.16 24.53 4.06
C LYS A 80 -13.58 25.92 4.35
N THR A 81 -14.47 26.89 4.55
CA THR A 81 -14.05 28.27 4.66
C THR A 81 -13.33 28.52 5.99
N ASP A 82 -12.60 29.64 6.01
CA ASP A 82 -11.92 30.17 7.20
C ASP A 82 -11.20 29.10 8.00
N LEU A 83 -10.49 28.20 7.34
CA LEU A 83 -9.65 27.25 8.02
C LEU A 83 -8.23 27.78 8.11
N ARG A 84 -7.54 27.40 9.18
CA ARG A 84 -6.23 27.92 9.45
C ARG A 84 -5.23 26.77 9.42
N PHE A 85 -3.95 27.13 9.47
CA PHE A 85 -2.89 26.17 9.18
C PHE A 85 -1.68 26.43 10.05
N GLN A 86 -1.24 25.42 10.78
CA GLN A 86 0.08 25.46 11.39
C GLN A 86 1.11 25.80 10.33
N SER A 87 1.79 26.93 10.51
CA SER A 87 2.76 27.38 9.52
C SER A 87 3.78 26.31 9.23
N SER A 88 4.27 25.64 10.28
CA SER A 88 5.19 24.53 10.06
C SER A 88 4.56 23.45 9.19
N ALA A 89 3.24 23.28 9.28
CA ALA A 89 2.59 22.26 8.46
C ALA A 89 2.64 22.63 6.99
N VAL A 90 2.36 23.88 6.65
CA VAL A 90 2.47 24.26 5.25
C VAL A 90 3.92 24.21 4.82
N MET A 91 4.85 24.49 5.72
CA MET A 91 6.27 24.35 5.39
C MET A 91 6.57 22.92 4.95
N ALA A 92 6.21 21.96 5.80
CA ALA A 92 6.47 20.56 5.49
C ALA A 92 5.73 20.13 4.23
N LEU A 93 4.53 20.67 4.02
CA LEU A 93 3.77 20.31 2.83
C LEU A 93 4.49 20.79 1.58
N GLN A 94 4.93 22.04 1.58
CA GLN A 94 5.72 22.56 0.47
C GLN A 94 6.93 21.68 0.23
N GLU A 95 7.65 21.36 1.29
CA GLU A 95 8.81 20.48 1.16
C GLU A 95 8.43 19.19 0.44
N ALA A 96 7.37 18.54 0.90
CA ALA A 96 7.01 17.23 0.39
C ALA A 96 6.58 17.32 -1.07
N CYS A 97 5.70 18.25 -1.39
CA CYS A 97 5.21 18.33 -2.76
C CYS A 97 6.34 18.71 -3.71
N GLU A 98 7.21 19.62 -3.28
CA GLU A 98 8.37 19.95 -4.10
C GLU A 98 9.20 18.71 -4.37
N ALA A 99 9.47 17.92 -3.33
CA ALA A 99 10.22 16.70 -3.53
C ALA A 99 9.49 15.77 -4.50
N TYR A 100 8.17 15.69 -4.38
CA TYR A 100 7.41 14.81 -5.25
C TYR A 100 7.52 15.24 -6.71
N LEU A 101 7.39 16.54 -6.94
CA LEU A 101 7.55 17.04 -8.30
C LEU A 101 8.97 16.82 -8.81
N VAL A 102 9.96 16.92 -7.91
CA VAL A 102 11.34 16.61 -8.30
C VAL A 102 11.42 15.18 -8.80
N GLY A 103 10.89 14.24 -8.03
CA GLY A 103 10.88 12.86 -8.47
C GLY A 103 10.19 12.68 -9.81
N LEU A 104 9.08 13.39 -9.99
CA LEU A 104 8.37 13.30 -11.25
C LEU A 104 9.24 13.79 -12.40
N PHE A 105 9.91 14.92 -12.21
CA PHE A 105 10.83 15.41 -13.23
C PHE A 105 11.94 14.42 -13.51
N GLU A 106 12.45 13.77 -12.47
CA GLU A 106 13.52 12.80 -12.67
C GLU A 106 13.06 11.70 -13.60
N ASP A 107 11.91 11.09 -13.30
CA ASP A 107 11.41 10.04 -14.17
C ASP A 107 11.07 10.58 -15.56
N THR A 108 10.59 11.82 -15.62
CA THR A 108 10.34 12.44 -16.92
C THR A 108 11.59 12.49 -17.75
N ASN A 109 12.69 12.92 -17.15
CA ASN A 109 13.96 13.01 -17.86
C ASN A 109 14.44 11.64 -18.29
N LEU A 110 14.27 10.65 -17.42
CA LEU A 110 14.55 9.29 -17.83
C LEU A 110 13.83 8.94 -19.12
N CYS A 111 12.51 9.14 -19.13
CA CYS A 111 11.72 8.75 -20.30
C CYS A 111 12.14 9.55 -21.53
N ALA A 112 12.40 10.85 -21.35
CA ALA A 112 12.80 11.69 -22.47
C ALA A 112 14.10 11.19 -23.08
N ILE A 113 15.08 10.87 -22.23
CA ILE A 113 16.32 10.28 -22.71
C ILE A 113 16.02 9.02 -23.49
N HIS A 114 15.11 8.19 -22.97
CA HIS A 114 14.67 7.04 -23.74
C HIS A 114 14.08 7.45 -25.08
N ALA A 115 13.42 8.60 -25.14
CA ALA A 115 12.89 9.09 -26.40
C ALA A 115 13.96 9.72 -27.27
N LYS A 116 15.23 9.54 -26.92
CA LYS A 116 16.38 10.03 -27.68
C LYS A 116 16.32 11.52 -27.93
N ARG A 117 15.49 12.23 -27.17
CA ARG A 117 15.45 13.68 -27.22
C ARG A 117 15.67 14.21 -25.81
N VAL A 118 16.29 15.39 -25.72
CA VAL A 118 16.78 15.87 -24.44
C VAL A 118 15.86 16.93 -23.83
N THR A 119 14.98 17.53 -24.62
CA THR A 119 14.00 18.46 -24.11
C THR A 119 12.76 17.69 -23.63
N ILE A 120 11.89 18.36 -22.89
CA ILE A 120 10.69 17.71 -22.35
C ILE A 120 9.45 18.30 -23.00
N MET A 121 8.44 17.45 -23.19
CA MET A 121 7.16 17.81 -23.78
C MET A 121 6.04 17.13 -23.00
N PRO A 122 4.90 17.81 -22.83
CA PRO A 122 3.81 17.28 -22.00
C PRO A 122 3.42 15.84 -22.28
N LYS A 123 3.74 15.33 -23.47
CA LYS A 123 3.58 13.92 -23.71
C LYS A 123 4.41 13.11 -22.71
N ASP A 124 5.58 13.63 -22.33
CA ASP A 124 6.42 12.92 -21.38
C ASP A 124 5.74 12.87 -20.02
N ILE A 125 5.24 14.00 -19.55
CA ILE A 125 4.53 14.05 -18.27
C ILE A 125 3.33 13.12 -18.29
N GLN A 126 2.54 13.20 -19.36
CA GLN A 126 1.35 12.35 -19.43
C GLN A 126 1.74 10.88 -19.37
N LEU A 127 2.74 10.48 -20.15
CA LEU A 127 3.17 9.10 -20.13
C LEU A 127 3.63 8.70 -18.74
N ALA A 128 4.46 9.53 -18.11
CA ALA A 128 4.95 9.22 -16.78
C ALA A 128 3.81 8.98 -15.82
N ARG A 129 2.94 9.98 -15.66
CA ARG A 129 1.84 9.84 -14.72
C ARG A 129 0.87 8.74 -15.12
N ARG A 130 0.91 8.28 -16.37
CA ARG A 130 0.17 7.08 -16.72
C ARG A 130 0.89 5.82 -16.29
N ILE A 131 2.22 5.85 -16.23
CA ILE A 131 2.97 4.63 -15.93
C ILE A 131 3.00 4.37 -14.44
N ARG A 132 3.37 5.39 -13.65
CA ARG A 132 3.38 5.21 -12.20
C ARG A 132 2.05 4.67 -11.72
N GLY A 133 0.96 5.31 -12.14
CA GLY A 133 -0.36 4.82 -11.81
C GLY A 133 -1.31 5.88 -11.30
N GLU A 134 -0.84 7.12 -11.21
CA GLU A 134 -1.71 8.18 -10.72
C GLU A 134 -2.87 8.44 -11.67
N ARG A 135 -2.72 8.07 -12.94
CA ARG A 135 -3.76 8.15 -13.97
C ARG A 135 -4.65 9.38 -13.81
N ALA A 136 -4.00 10.52 -13.65
CA ALA A 136 -4.72 11.78 -13.54
C ALA A 136 -4.30 12.72 -14.66
N ARG B 24 -7.93 34.71 -8.02
CA ARG B 24 -7.23 35.62 -8.93
C ARG B 24 -5.82 35.10 -9.21
N ASP B 25 -5.62 34.53 -10.40
CA ASP B 25 -4.33 34.05 -10.88
C ASP B 25 -3.58 33.28 -9.80
N ASN B 26 -4.31 32.55 -8.96
CA ASN B 26 -3.70 31.89 -7.82
C ASN B 26 -2.70 30.83 -8.27
N ILE B 27 -3.13 29.96 -9.19
CA ILE B 27 -2.24 28.94 -9.72
C ILE B 27 -1.06 29.56 -10.47
N GLN B 28 -1.23 30.78 -10.98
CA GLN B 28 -0.13 31.48 -11.64
C GLN B 28 1.06 31.69 -10.73
N GLY B 29 0.87 31.59 -9.41
CA GLY B 29 1.97 31.87 -8.49
C GLY B 29 3.21 31.04 -8.74
N ILE B 30 3.06 29.88 -9.35
CA ILE B 30 4.20 29.02 -9.64
C ILE B 30 5.01 29.66 -10.76
N THR B 31 6.17 30.21 -10.42
CA THR B 31 6.94 30.94 -11.40
C THR B 31 7.62 30.00 -12.38
N LYS B 32 7.87 30.50 -13.57
CA LYS B 32 8.69 29.76 -14.52
C LYS B 32 10.08 29.49 -13.96
N PRO B 33 10.82 30.50 -13.46
CA PRO B 33 12.16 30.19 -12.94
C PRO B 33 12.13 29.23 -11.77
N ALA B 34 11.05 29.23 -10.98
CA ALA B 34 10.94 28.25 -9.92
C ALA B 34 11.03 26.84 -10.50
N ILE B 35 10.20 26.56 -11.50
CA ILE B 35 10.20 25.24 -12.09
C ILE B 35 11.51 24.96 -12.79
N ARG B 36 12.15 25.99 -13.33
CA ARG B 36 13.45 25.80 -13.96
C ARG B 36 14.48 25.32 -12.95
N ARG B 37 14.65 26.08 -11.87
CA ARG B 37 15.58 25.69 -10.82
C ARG B 37 15.21 24.33 -10.26
N LEU B 38 13.92 23.99 -10.27
CA LEU B 38 13.47 22.69 -9.80
C LEU B 38 14.01 21.59 -10.71
N ALA B 39 13.60 21.63 -11.98
CA ALA B 39 14.07 20.65 -12.96
C ALA B 39 15.58 20.53 -12.93
N ARG B 40 16.28 21.63 -12.68
CA ARG B 40 17.73 21.55 -12.55
C ARG B 40 18.13 20.75 -11.32
N ARG B 41 17.51 21.05 -10.16
CA ARG B 41 17.70 20.18 -9.02
C ARG B 41 17.11 18.80 -9.25
N GLY B 42 16.19 18.68 -10.21
CA GLY B 42 15.57 17.43 -10.56
C GLY B 42 16.32 16.58 -11.54
N GLY B 43 17.43 17.07 -12.10
CA GLY B 43 18.30 16.28 -12.93
C GLY B 43 18.17 16.50 -14.42
N VAL B 44 17.10 17.14 -14.87
CA VAL B 44 16.94 17.42 -16.29
C VAL B 44 17.28 18.88 -16.56
N LYS B 45 17.86 19.14 -17.73
CA LYS B 45 18.49 20.43 -18.00
C LYS B 45 17.78 21.28 -19.05
N ARG B 46 17.10 20.68 -20.03
CA ARG B 46 16.46 21.44 -21.09
C ARG B 46 14.94 21.27 -21.07
N ILE B 47 14.27 22.20 -20.38
CA ILE B 47 12.84 22.14 -20.14
C ILE B 47 12.16 23.08 -21.14
N SER B 48 11.32 22.54 -22.02
CA SER B 48 11.06 23.31 -23.23
C SER B 48 10.31 24.61 -23.00
N GLY B 49 8.99 24.58 -23.03
CA GLY B 49 8.23 25.67 -22.47
C GLY B 49 6.82 25.33 -22.07
N LEU B 50 6.28 24.26 -22.65
CA LEU B 50 4.82 24.09 -22.65
C LEU B 50 4.39 23.20 -21.50
N ILE B 51 5.01 23.39 -20.34
CA ILE B 51 4.77 22.50 -19.20
C ILE B 51 4.51 23.27 -17.93
N TYR B 52 4.97 24.52 -17.83
CA TYR B 52 4.65 25.34 -16.67
C TYR B 52 3.15 25.28 -16.40
N GLU B 53 2.35 25.44 -17.46
CA GLU B 53 0.93 25.14 -17.36
C GLU B 53 0.71 23.71 -16.85
N GLU B 54 1.38 22.74 -17.49
CA GLU B 54 1.11 21.35 -17.17
C GLU B 54 1.58 21.02 -15.76
N THR B 55 2.72 21.55 -15.36
CA THR B 55 3.16 21.41 -13.97
C THR B 55 2.11 21.97 -13.04
N ARG B 56 1.59 23.16 -13.36
CA ARG B 56 0.52 23.74 -12.56
C ARG B 56 -0.63 22.76 -12.41
N GLY B 57 -1.02 22.14 -13.52
CA GLY B 57 -2.16 21.23 -13.48
C GLY B 57 -1.90 20.03 -12.59
N VAL B 58 -0.76 19.37 -12.78
CA VAL B 58 -0.48 18.17 -12.00
C VAL B 58 -0.31 18.49 -10.53
N LEU B 59 0.38 19.59 -10.22
CA LEU B 59 0.52 19.97 -8.84
C LEU B 59 -0.84 20.30 -8.23
N LYS B 60 -1.70 20.95 -9.01
CA LYS B 60 -3.06 21.20 -8.58
C LYS B 60 -3.78 19.92 -8.19
N VAL B 61 -3.74 18.91 -9.06
CA VAL B 61 -4.44 17.66 -8.76
C VAL B 61 -3.87 17.02 -7.50
N PHE B 62 -2.55 16.89 -7.44
CA PHE B 62 -1.94 16.22 -6.31
C PHE B 62 -2.31 16.92 -5.02
N LEU B 63 -2.16 18.25 -5.00
CA LEU B 63 -2.58 19.03 -3.84
C LEU B 63 -4.05 18.80 -3.53
N GLU B 64 -4.91 18.73 -4.55
CA GLU B 64 -6.33 18.47 -4.32
C GLU B 64 -6.48 17.22 -3.46
N ASN B 65 -5.90 16.12 -3.93
CA ASN B 65 -6.05 14.86 -3.21
C ASN B 65 -5.52 14.97 -1.78
N VAL B 66 -4.26 15.39 -1.64
CA VAL B 66 -3.66 15.39 -0.32
C VAL B 66 -4.42 16.30 0.61
N ILE B 67 -4.88 17.44 0.11
CA ILE B 67 -5.47 18.43 0.99
C ILE B 67 -6.87 18.01 1.37
N ARG B 68 -7.59 17.32 0.48
CA ARG B 68 -8.88 16.76 0.87
C ARG B 68 -8.69 15.78 2.01
N ASP B 69 -7.70 14.90 1.87
CA ASP B 69 -7.45 13.93 2.94
C ASP B 69 -7.07 14.65 4.22
N ALA B 70 -6.22 15.68 4.13
CA ALA B 70 -5.80 16.40 5.31
C ALA B 70 -6.98 17.06 6.01
N VAL B 71 -7.83 17.73 5.24
CA VAL B 71 -8.93 18.45 5.87
C VAL B 71 -9.95 17.48 6.46
N THR B 72 -10.15 16.32 5.83
CA THR B 72 -10.99 15.32 6.48
C THR B 72 -10.39 14.93 7.82
N TYR B 73 -9.11 14.54 7.85
CA TYR B 73 -8.46 14.20 9.11
C TYR B 73 -8.68 15.29 10.15
N THR B 74 -8.44 16.54 9.76
CA THR B 74 -8.57 17.65 10.69
C THR B 74 -9.97 17.71 11.27
N GLU B 75 -10.96 17.99 10.41
CA GLU B 75 -12.29 18.26 10.93
C GLU B 75 -12.84 17.06 11.69
N HIS B 76 -12.39 15.86 11.34
CA HIS B 76 -12.76 14.69 12.12
C HIS B 76 -12.35 14.85 13.57
N ALA B 77 -11.26 15.55 13.83
CA ALA B 77 -10.90 15.86 15.21
C ALA B 77 -11.75 16.99 15.77
N LYS B 78 -12.81 17.38 15.08
CA LYS B 78 -13.70 18.45 15.51
C LYS B 78 -12.97 19.77 15.64
N ARG B 79 -11.82 19.89 14.98
CA ARG B 79 -11.00 21.08 15.04
C ARG B 79 -11.19 21.92 13.78
N LYS B 80 -10.54 23.08 13.76
CA LYS B 80 -10.74 24.03 12.68
C LYS B 80 -9.43 24.56 12.10
N THR B 81 -8.29 24.04 12.53
CA THR B 81 -7.02 24.31 11.88
C THR B 81 -6.36 23.00 11.51
N VAL B 82 -5.43 23.06 10.58
CA VAL B 82 -4.70 21.89 10.10
C VAL B 82 -3.37 21.79 10.82
N THR B 83 -3.01 20.57 11.21
CA THR B 83 -1.74 20.30 11.87
C THR B 83 -0.85 19.44 10.97
N ALA B 84 0.44 19.43 11.29
CA ALA B 84 1.39 18.65 10.51
C ALA B 84 1.04 17.18 10.55
N MET B 85 0.69 16.66 11.72
CA MET B 85 0.29 15.26 11.83
C MET B 85 -0.79 14.92 10.82
N ASP B 86 -1.65 15.87 10.51
CA ASP B 86 -2.70 15.62 9.53
C ASP B 86 -2.11 15.35 8.16
N VAL B 87 -1.25 16.24 7.67
CA VAL B 87 -0.66 16.04 6.36
C VAL B 87 0.16 14.76 6.32
N VAL B 88 0.88 14.46 7.40
CA VAL B 88 1.70 13.25 7.39
C VAL B 88 0.80 12.02 7.31
N TYR B 89 -0.28 11.98 8.09
CA TYR B 89 -1.26 10.92 7.93
C TYR B 89 -1.69 10.82 6.47
N ALA B 90 -2.03 11.97 5.88
CA ALA B 90 -2.48 11.97 4.50
C ALA B 90 -1.46 11.29 3.59
N LEU B 91 -0.21 11.70 3.70
CA LEU B 91 0.81 11.15 2.82
C LEU B 91 1.00 9.66 3.07
N LYS B 92 0.86 9.23 4.32
CA LYS B 92 0.88 7.80 4.59
C LYS B 92 -0.26 7.10 3.86
N ARG B 93 -1.42 7.77 3.75
CA ARG B 93 -2.54 7.15 3.09
C ARG B 93 -2.26 6.93 1.61
N GLN B 94 -1.60 7.88 0.96
CA GLN B 94 -1.27 7.73 -0.44
C GLN B 94 -0.05 6.85 -0.68
N GLY B 95 0.54 6.29 0.36
CA GLY B 95 1.75 5.53 0.18
C GLY B 95 2.96 6.37 -0.12
N ARG B 96 2.98 7.62 0.36
CA ARG B 96 4.11 8.52 0.22
C ARG B 96 4.50 9.10 1.56
N THR B 97 4.65 8.21 2.54
CA THR B 97 4.96 8.64 3.90
C THR B 97 6.28 9.38 3.96
N LEU B 98 6.34 10.34 4.89
CA LEU B 98 7.53 11.15 5.10
C LEU B 98 7.90 11.06 6.58
N TYR B 99 9.13 11.42 6.90
CA TYR B 99 9.70 11.13 8.19
C TYR B 99 9.89 12.40 9.01
N GLY B 100 9.95 12.22 10.32
CA GLY B 100 10.47 13.23 11.24
C GLY B 100 9.48 13.71 12.29
N PHE B 101 8.18 13.51 12.11
CA PHE B 101 7.23 14.26 12.91
C PHE B 101 6.33 13.41 13.78
N GLY B 102 5.65 12.41 13.21
CA GLY B 102 4.85 11.52 14.03
C GLY B 102 4.82 10.07 13.61
N GLY B 103 5.40 9.77 12.45
CA GLY B 103 5.35 8.43 11.90
C GLY B 103 3.96 7.85 11.65
N ALA C 17 -39.97 -5.16 19.79
CA ALA C 17 -38.70 -5.82 19.55
C ALA C 17 -38.46 -6.00 18.06
N VAL C 18 -37.70 -5.09 17.47
CA VAL C 18 -37.44 -5.10 16.04
C VAL C 18 -35.95 -5.24 15.81
N SER C 19 -35.58 -5.98 14.76
CA SER C 19 -34.20 -6.02 14.32
C SER C 19 -33.73 -4.62 13.96
N ARG C 20 -32.57 -4.25 14.50
CA ARG C 20 -32.06 -2.89 14.30
C ARG C 20 -32.01 -2.52 12.82
N SER C 21 -31.52 -3.44 11.98
CA SER C 21 -31.52 -3.19 10.54
C SER C 21 -32.94 -3.10 10.01
N GLN C 22 -33.79 -4.04 10.42
CA GLN C 22 -35.20 -3.94 10.10
C GLN C 22 -35.81 -2.68 10.70
N ARG C 23 -35.37 -2.31 11.91
CA ARG C 23 -35.88 -1.10 12.54
C ARG C 23 -35.64 0.11 11.66
N ALA C 24 -34.38 0.44 11.40
CA ALA C 24 -34.07 1.53 10.50
C ALA C 24 -34.44 1.22 9.06
N GLY C 25 -34.93 0.01 8.78
CA GLY C 25 -35.32 -0.34 7.44
C GLY C 25 -34.15 -0.49 6.49
N LEU C 26 -33.06 -1.11 6.95
CA LEU C 26 -31.89 -1.33 6.12
C LEU C 26 -31.64 -2.82 5.98
N GLN C 27 -31.08 -3.21 4.85
CA GLN C 27 -31.05 -4.62 4.49
C GLN C 27 -29.80 -5.32 4.98
N PHE C 28 -28.77 -4.58 5.37
CA PHE C 28 -27.65 -5.43 5.75
C PHE C 28 -27.72 -5.78 7.22
N PRO C 29 -27.33 -7.01 7.60
CA PRO C 29 -27.52 -7.45 8.98
C PRO C 29 -26.59 -6.74 9.95
N VAL C 30 -27.15 -5.79 10.70
CA VAL C 30 -26.34 -4.90 11.50
C VAL C 30 -25.62 -5.67 12.60
N GLY C 31 -26.21 -6.74 13.10
CA GLY C 31 -25.56 -7.49 14.16
C GLY C 31 -24.29 -8.17 13.68
N ARG C 32 -24.36 -8.83 12.53
CA ARG C 32 -23.19 -9.47 11.95
C ARG C 32 -22.08 -8.47 11.72
N ILE C 33 -22.43 -7.31 11.17
CA ILE C 33 -21.46 -6.23 10.99
C ILE C 33 -20.84 -5.86 12.33
N HIS C 34 -21.69 -5.65 13.33
CA HIS C 34 -21.21 -5.31 14.65
C HIS C 34 -20.19 -6.33 15.12
N ARG C 35 -20.48 -7.60 14.89
CA ARG C 35 -19.56 -8.66 15.30
C ARG C 35 -18.23 -8.54 14.57
N HIS C 36 -18.29 -8.51 13.23
CA HIS C 36 -17.07 -8.45 12.45
C HIS C 36 -16.22 -7.28 12.87
N LEU C 37 -16.85 -6.17 13.24
CA LEU C 37 -16.08 -5.04 13.74
C LEU C 37 -15.51 -5.36 15.11
N LYS C 38 -16.30 -6.03 15.96
CA LYS C 38 -15.78 -6.50 17.23
C LYS C 38 -14.57 -7.40 17.06
N THR C 39 -14.38 -7.97 15.88
CA THR C 39 -13.19 -8.79 15.66
C THR C 39 -11.92 -7.97 15.52
N ARG C 40 -12.02 -6.65 15.46
CA ARG C 40 -10.83 -5.81 15.23
C ARG C 40 -10.85 -4.58 16.13
N THR C 41 -11.18 -4.76 17.41
CA THR C 41 -11.32 -3.63 18.31
C THR C 41 -10.00 -3.11 18.85
N THR C 42 -8.94 -3.91 18.82
CA THR C 42 -7.70 -3.60 19.51
C THR C 42 -7.94 -3.43 21.00
N SER C 43 -8.69 -4.38 21.57
CA SER C 43 -8.84 -4.61 23.01
C SER C 43 -9.69 -3.57 23.71
N HIS C 44 -10.04 -2.49 23.04
CA HIS C 44 -10.81 -1.44 23.67
C HIS C 44 -11.87 -0.82 22.77
N GLY C 45 -12.04 -1.33 21.55
CA GLY C 45 -13.00 -0.74 20.63
C GLY C 45 -14.42 -1.02 21.08
N ARG C 46 -15.18 0.03 21.34
CA ARG C 46 -16.60 -0.08 21.64
C ARG C 46 -17.38 0.36 20.42
N VAL C 47 -18.34 -0.46 20.01
CA VAL C 47 -19.02 -0.27 18.74
C VAL C 47 -20.24 0.61 18.98
N GLY C 48 -20.10 1.90 18.72
CA GLY C 48 -21.26 2.75 18.60
C GLY C 48 -22.26 2.15 17.64
N ALA C 49 -23.39 1.64 18.15
CA ALA C 49 -24.35 0.94 17.31
C ALA C 49 -24.64 1.75 16.04
N THR C 50 -24.85 3.05 16.20
CA THR C 50 -25.04 3.91 15.05
C THR C 50 -23.87 3.82 14.07
N ALA C 51 -22.65 3.54 14.55
CA ALA C 51 -21.57 3.33 13.61
C ALA C 51 -21.84 2.10 12.75
N ALA C 52 -22.35 1.03 13.37
CA ALA C 52 -22.77 -0.12 12.59
C ALA C 52 -23.83 0.27 11.57
N VAL C 53 -24.79 1.10 11.99
CA VAL C 53 -25.83 1.54 11.07
C VAL C 53 -25.22 2.26 9.88
N TYR C 54 -24.34 3.23 10.16
CA TYR C 54 -23.70 4.00 9.12
C TYR C 54 -22.98 3.10 8.15
N SER C 55 -22.18 2.16 8.68
CA SER C 55 -21.43 1.26 7.81
C SER C 55 -22.36 0.43 6.95
N ALA C 56 -23.41 -0.13 7.54
CA ALA C 56 -24.33 -0.97 6.80
C ALA C 56 -24.94 -0.19 5.64
N ALA C 57 -25.43 1.01 5.92
CA ALA C 57 -26.03 1.83 4.87
C ALA C 57 -25.00 2.17 3.80
N ILE C 58 -23.76 2.41 4.20
CA ILE C 58 -22.72 2.73 3.23
C ILE C 58 -22.53 1.56 2.27
N LEU C 59 -22.29 0.38 2.82
CA LEU C 59 -22.15 -0.81 1.99
C LEU C 59 -23.36 -0.95 1.07
N GLU C 60 -24.56 -0.80 1.63
CA GLU C 60 -25.78 -1.01 0.87
C GLU C 60 -25.83 -0.08 -0.33
N TYR C 61 -25.59 1.21 -0.11
CA TYR C 61 -25.68 2.18 -1.19
C TYR C 61 -24.62 1.94 -2.25
N LEU C 62 -23.36 1.81 -1.83
CA LEU C 62 -22.29 1.66 -2.81
C LEU C 62 -22.47 0.40 -3.62
N THR C 63 -22.91 -0.68 -2.97
CA THR C 63 -23.14 -1.92 -3.71
C THR C 63 -24.35 -1.80 -4.62
N ALA C 64 -25.36 -1.02 -4.22
CA ALA C 64 -26.47 -0.75 -5.11
C ALA C 64 -25.98 -0.11 -6.39
N GLU C 65 -25.06 0.85 -6.27
CA GLU C 65 -24.53 1.49 -7.47
C GLU C 65 -23.71 0.51 -8.30
N VAL C 66 -22.87 -0.30 -7.64
CA VAL C 66 -22.09 -1.30 -8.36
C VAL C 66 -23.00 -2.23 -9.15
N LEU C 67 -24.05 -2.71 -8.49
CA LEU C 67 -24.96 -3.65 -9.14
C LEU C 67 -25.76 -2.97 -10.24
N GLU C 68 -26.11 -1.70 -10.05
CA GLU C 68 -26.77 -0.96 -11.12
C GLU C 68 -25.91 -0.94 -12.36
N LEU C 69 -24.63 -0.59 -12.20
CA LEU C 69 -23.73 -0.54 -13.37
C LEU C 69 -23.59 -1.93 -14.00
N ALA C 70 -23.42 -2.96 -13.18
CA ALA C 70 -23.24 -4.30 -13.73
C ALA C 70 -24.50 -4.78 -14.44
N GLY C 71 -25.67 -4.44 -13.88
CA GLY C 71 -26.93 -4.85 -14.48
C GLY C 71 -27.21 -4.11 -15.76
N ASN C 72 -26.75 -2.87 -15.87
CA ASN C 72 -26.81 -2.22 -17.16
C ASN C 72 -25.90 -2.91 -18.17
N ALA C 73 -24.69 -3.29 -17.74
CA ALA C 73 -23.81 -4.00 -18.68
C ALA C 73 -24.38 -5.37 -19.07
N SER C 74 -25.27 -5.90 -18.24
CA SER C 74 -25.87 -7.16 -18.64
C SER C 74 -27.08 -6.92 -19.54
N LYS C 75 -27.88 -5.89 -19.24
CA LYS C 75 -29.06 -5.66 -20.07
C LYS C 75 -28.64 -5.19 -21.45
N ASP C 76 -27.67 -4.26 -21.53
CA ASP C 76 -27.14 -3.88 -22.83
C ASP C 76 -26.41 -5.05 -23.47
N LEU C 77 -26.07 -6.10 -22.70
CA LEU C 77 -25.49 -7.27 -23.32
C LEU C 77 -26.56 -8.32 -23.61
N LYS C 78 -27.82 -8.02 -23.25
CA LYS C 78 -28.98 -8.89 -23.48
C LYS C 78 -28.79 -10.26 -22.82
N VAL C 79 -28.36 -10.23 -21.57
CA VAL C 79 -28.17 -11.42 -20.77
C VAL C 79 -28.77 -11.20 -19.39
N LYS C 80 -29.50 -12.18 -18.89
CA LYS C 80 -30.15 -12.06 -17.60
C LYS C 80 -29.30 -12.63 -16.48
N ARG C 81 -28.11 -13.13 -16.80
CA ARG C 81 -27.15 -13.65 -15.85
C ARG C 81 -25.95 -12.71 -15.77
N ILE C 82 -25.14 -12.88 -14.73
CA ILE C 82 -24.03 -11.97 -14.44
C ILE C 82 -22.72 -12.69 -14.68
N THR C 83 -21.74 -11.99 -15.25
CA THR C 83 -20.45 -12.54 -15.61
C THR C 83 -19.34 -11.67 -15.05
N PRO C 84 -18.14 -12.24 -14.88
CA PRO C 84 -16.98 -11.42 -14.50
C PRO C 84 -16.62 -10.35 -15.51
N ARG C 85 -16.79 -10.61 -16.80
CA ARG C 85 -16.48 -9.60 -17.80
C ARG C 85 -17.48 -8.45 -17.74
N HIS C 86 -18.72 -8.73 -17.33
CA HIS C 86 -19.69 -7.66 -17.13
C HIS C 86 -19.13 -6.59 -16.20
N LEU C 87 -18.88 -6.99 -14.95
CA LEU C 87 -18.32 -6.06 -13.98
C LEU C 87 -16.94 -5.56 -14.42
N GLN C 88 -16.21 -6.37 -15.18
CA GLN C 88 -14.93 -5.93 -15.71
C GLN C 88 -15.10 -4.65 -16.52
N LEU C 89 -15.88 -4.73 -17.59
CA LEU C 89 -16.11 -3.54 -18.41
C LEU C 89 -16.91 -2.49 -17.64
N ALA C 90 -17.67 -2.90 -16.63
CA ALA C 90 -18.39 -1.95 -15.80
C ALA C 90 -17.43 -0.99 -15.11
N ILE C 91 -16.51 -1.55 -14.32
CA ILE C 91 -15.52 -0.72 -13.65
C ILE C 91 -14.61 -0.06 -14.67
N ARG C 92 -14.37 -0.73 -15.80
CA ARG C 92 -13.62 -0.11 -16.88
C ARG C 92 -14.38 1.04 -17.53
N GLY C 93 -15.65 1.24 -17.16
CA GLY C 93 -16.41 2.35 -17.65
C GLY C 93 -16.40 3.55 -16.73
N ASP C 94 -16.53 3.31 -15.43
CA ASP C 94 -16.59 4.38 -14.44
C ASP C 94 -15.23 4.63 -13.84
N GLU C 95 -14.95 5.91 -13.55
CA GLU C 95 -13.68 6.27 -12.92
C GLU C 95 -13.67 5.94 -11.44
N GLU C 96 -14.63 6.46 -10.68
CA GLU C 96 -14.66 6.27 -9.24
C GLU C 96 -14.64 4.79 -8.89
N LEU C 97 -15.47 3.99 -9.56
CA LEU C 97 -15.53 2.57 -9.24
C LEU C 97 -14.18 1.90 -9.49
N ASP C 98 -13.52 2.28 -10.58
CA ASP C 98 -12.17 1.78 -10.80
C ASP C 98 -11.25 2.18 -9.66
N SER C 99 -11.41 3.41 -9.17
CA SER C 99 -10.59 3.88 -8.06
C SER C 99 -10.78 3.00 -6.83
N LEU C 100 -12.04 2.74 -6.48
CA LEU C 100 -12.34 1.99 -5.26
C LEU C 100 -11.75 0.59 -5.31
N ILE C 101 -11.80 -0.04 -6.48
CA ILE C 101 -11.24 -1.38 -6.66
C ILE C 101 -9.87 -1.21 -7.28
N LYS C 102 -8.86 -1.10 -6.43
CA LYS C 102 -7.49 -1.12 -6.91
C LYS C 102 -7.06 -2.52 -7.32
N ALA C 103 -7.85 -3.54 -6.99
CA ALA C 103 -7.44 -4.91 -7.19
C ALA C 103 -7.47 -5.30 -8.66
N THR C 104 -6.76 -6.38 -8.97
CA THR C 104 -6.88 -7.03 -10.26
C THR C 104 -8.08 -7.96 -10.25
N ILE C 105 -8.85 -7.93 -11.30
CA ILE C 105 -10.08 -8.69 -11.34
C ILE C 105 -9.77 -10.11 -11.81
N ALA C 106 -10.41 -11.08 -11.17
CA ALA C 106 -10.38 -12.46 -11.65
C ALA C 106 -11.19 -12.55 -12.93
N GLY C 107 -10.52 -12.78 -14.05
CA GLY C 107 -11.20 -12.89 -15.33
C GLY C 107 -11.66 -11.55 -15.86
N ARG D 34 -20.60 -22.54 9.72
CA ARG D 34 -21.14 -21.24 9.35
C ARG D 34 -20.05 -20.23 9.01
N LYS D 35 -19.91 -19.92 7.72
CA LYS D 35 -18.95 -18.94 7.24
C LYS D 35 -19.75 -17.91 6.44
N GLU D 36 -19.86 -16.70 7.00
CA GLU D 36 -20.93 -15.80 6.63
C GLU D 36 -20.80 -15.28 5.20
N SER D 37 -21.93 -14.89 4.63
CA SER D 37 -21.99 -14.28 3.32
C SER D 37 -23.10 -13.25 3.30
N TYR D 38 -23.06 -12.36 2.31
CA TYR D 38 -24.08 -11.35 2.12
C TYR D 38 -24.92 -11.59 0.89
N SER D 39 -24.61 -12.63 0.13
CA SER D 39 -25.32 -12.98 -1.10
C SER D 39 -26.82 -12.72 -1.01
N ILE D 40 -27.42 -13.14 0.10
CA ILE D 40 -28.87 -13.00 0.27
C ILE D 40 -29.26 -11.52 0.30
N TYR D 41 -28.48 -10.71 1.00
CA TYR D 41 -28.82 -9.30 1.11
C TYR D 41 -28.56 -8.59 -0.20
N VAL D 42 -27.50 -9.00 -0.91
CA VAL D 42 -27.29 -8.53 -2.28
C VAL D 42 -28.53 -8.80 -3.11
N TYR D 43 -29.01 -10.04 -3.05
CA TYR D 43 -30.23 -10.42 -3.75
C TYR D 43 -31.37 -9.49 -3.39
N LYS D 44 -31.55 -9.22 -2.10
CA LYS D 44 -32.69 -8.43 -1.65
C LYS D 44 -32.61 -7.00 -2.17
N VAL D 45 -31.46 -6.36 -2.00
CA VAL D 45 -31.34 -4.98 -2.47
C VAL D 45 -31.42 -4.91 -3.98
N LEU D 46 -30.87 -5.90 -4.67
CA LEU D 46 -30.98 -5.94 -6.12
C LEU D 46 -32.43 -6.04 -6.54
N LYS D 47 -33.20 -6.89 -5.85
CA LYS D 47 -34.64 -6.90 -6.06
C LYS D 47 -35.25 -5.54 -5.77
N GLN D 48 -34.73 -4.84 -4.77
CA GLN D 48 -35.23 -3.52 -4.46
C GLN D 48 -34.97 -2.54 -5.59
N VAL D 49 -33.95 -2.78 -6.40
CA VAL D 49 -33.64 -1.92 -7.52
C VAL D 49 -33.86 -2.61 -8.87
N HIS D 50 -33.46 -3.87 -9.00
CA HIS D 50 -33.63 -4.63 -10.24
C HIS D 50 -34.44 -5.88 -9.92
N PRO D 51 -35.76 -5.75 -9.75
CA PRO D 51 -36.56 -6.89 -9.31
C PRO D 51 -36.59 -8.02 -10.32
N ASP D 52 -36.11 -7.78 -11.54
CA ASP D 52 -36.32 -8.68 -12.65
C ASP D 52 -35.03 -9.32 -13.16
N THR D 53 -33.91 -9.16 -12.45
CA THR D 53 -32.59 -9.58 -12.93
C THR D 53 -32.06 -10.74 -12.12
N GLY D 54 -31.53 -11.76 -12.82
CA GLY D 54 -30.84 -12.85 -12.18
C GLY D 54 -29.34 -12.61 -12.16
N ILE D 55 -28.64 -13.41 -11.34
CA ILE D 55 -27.21 -13.24 -11.14
C ILE D 55 -26.57 -14.61 -10.97
N SER D 56 -25.49 -14.85 -11.70
CA SER D 56 -24.76 -16.10 -11.57
C SER D 56 -24.12 -16.22 -10.19
N SER D 57 -23.87 -17.46 -9.79
CA SER D 57 -23.34 -17.73 -8.46
C SER D 57 -21.91 -17.21 -8.31
N LYS D 58 -21.05 -17.48 -9.28
CA LYS D 58 -19.66 -17.02 -9.19
C LYS D 58 -19.59 -15.51 -9.11
N ALA D 59 -20.45 -14.83 -9.87
CA ALA D 59 -20.51 -13.37 -9.77
C ALA D 59 -20.92 -12.93 -8.38
N MET D 60 -21.91 -13.59 -7.79
CA MET D 60 -22.35 -13.23 -6.44
C MET D 60 -21.23 -13.46 -5.44
N GLY D 61 -20.47 -14.55 -5.60
CA GLY D 61 -19.35 -14.79 -4.71
C GLY D 61 -18.26 -13.75 -4.86
N ILE D 62 -17.97 -13.33 -6.09
CA ILE D 62 -16.99 -12.27 -6.29
C ILE D 62 -17.47 -10.96 -5.67
N MET D 63 -18.75 -10.65 -5.84
CA MET D 63 -19.31 -9.49 -5.17
C MET D 63 -19.13 -9.58 -3.67
N ASN D 64 -19.36 -10.76 -3.11
CA ASN D 64 -19.21 -10.93 -1.68
C ASN D 64 -17.77 -10.73 -1.24
N SER D 65 -16.82 -11.27 -2.01
CA SER D 65 -15.42 -11.08 -1.68
C SER D 65 -15.03 -9.60 -1.72
N PHE D 66 -15.44 -8.90 -2.77
CA PHE D 66 -15.17 -7.47 -2.89
C PHE D 66 -15.76 -6.68 -1.73
N VAL D 67 -17.02 -6.97 -1.39
CA VAL D 67 -17.66 -6.19 -0.33
C VAL D 67 -16.98 -6.48 0.99
N ASN D 68 -16.55 -7.71 1.21
CA ASN D 68 -15.80 -7.99 2.44
C ASN D 68 -14.50 -7.21 2.44
N ASP D 69 -13.83 -7.11 1.30
CA ASP D 69 -12.59 -6.36 1.23
C ASP D 69 -12.82 -4.90 1.60
N ILE D 70 -13.79 -4.25 0.95
CA ILE D 70 -14.03 -2.85 1.26
C ILE D 70 -14.47 -2.70 2.70
N PHE D 71 -15.22 -3.68 3.20
CA PHE D 71 -15.68 -3.62 4.58
C PHE D 71 -14.50 -3.60 5.54
N GLU D 72 -13.57 -4.53 5.36
CA GLU D 72 -12.43 -4.56 6.26
C GLU D 72 -11.57 -3.32 6.07
N ARG D 73 -11.50 -2.79 4.85
CA ARG D 73 -10.83 -1.51 4.67
C ARG D 73 -11.44 -0.46 5.58
N ILE D 74 -12.74 -0.27 5.47
CA ILE D 74 -13.46 0.67 6.34
C ILE D 74 -13.11 0.41 7.79
N ALA D 75 -13.16 -0.85 8.21
CA ALA D 75 -12.97 -1.18 9.60
C ALA D 75 -11.58 -0.77 10.06
N GLY D 76 -10.56 -1.26 9.37
CA GLY D 76 -9.20 -0.96 9.76
C GLY D 76 -8.94 0.53 9.74
N GLU D 77 -9.53 1.23 8.78
CA GLU D 77 -9.28 2.67 8.70
C GLU D 77 -9.91 3.39 9.88
N ALA D 78 -11.14 3.04 10.21
CA ALA D 78 -11.78 3.67 11.36
C ALA D 78 -11.02 3.35 12.64
N SER D 79 -10.46 2.16 12.74
CA SER D 79 -9.64 1.83 13.89
C SER D 79 -8.42 2.73 13.95
N ARG D 80 -7.72 2.86 12.82
CA ARG D 80 -6.62 3.81 12.72
C ARG D 80 -7.06 5.19 13.20
N LEU D 81 -8.23 5.64 12.74
CA LEU D 81 -8.71 6.96 13.11
C LEU D 81 -8.86 7.09 14.61
N ALA D 82 -9.64 6.18 15.21
CA ALA D 82 -9.84 6.20 16.66
C ALA D 82 -8.52 6.26 17.38
N HIS D 83 -7.56 5.43 16.97
CA HIS D 83 -6.22 5.54 17.53
C HIS D 83 -5.66 6.93 17.34
N TYR D 84 -5.93 7.54 16.19
CA TYR D 84 -5.24 8.77 15.81
C TYR D 84 -5.79 9.99 16.52
N ASN D 85 -6.98 9.90 17.09
CA ASN D 85 -7.43 10.90 18.05
C ASN D 85 -7.12 10.49 19.47
N LYS D 86 -6.22 9.52 19.65
CA LYS D 86 -5.83 9.04 20.97
C LYS D 86 -7.05 8.59 21.77
N ARG D 87 -8.04 8.03 21.09
CA ARG D 87 -9.25 7.55 21.73
C ARG D 87 -9.31 6.03 21.65
N SER D 88 -10.43 5.48 22.08
CA SER D 88 -10.61 4.04 22.15
C SER D 88 -11.88 3.52 21.49
N THR D 89 -12.90 4.35 21.31
CA THR D 89 -14.22 3.90 20.96
C THR D 89 -14.60 4.38 19.57
N ILE D 90 -15.43 3.61 18.88
CA ILE D 90 -15.82 3.91 17.52
C ILE D 90 -17.27 4.37 17.50
N THR D 91 -17.53 5.39 16.69
CA THR D 91 -18.87 5.97 16.56
C THR D 91 -19.08 6.36 15.10
N SER D 92 -20.34 6.34 14.69
CA SER D 92 -20.76 6.69 13.33
C SER D 92 -20.04 7.89 12.74
N ARG D 93 -19.76 8.90 13.55
CA ARG D 93 -18.97 10.03 13.07
C ARG D 93 -17.66 9.57 12.45
N GLU D 94 -17.08 8.49 12.96
CA GLU D 94 -15.76 8.07 12.53
C GLU D 94 -15.83 7.17 11.32
N ILE D 95 -16.82 6.29 11.25
CA ILE D 95 -17.11 5.61 10.00
C ILE D 95 -17.32 6.64 8.90
N GLN D 96 -17.99 7.73 9.24
CA GLN D 96 -18.19 8.82 8.30
C GLN D 96 -16.86 9.39 7.83
N THR D 97 -16.01 9.76 8.78
CA THR D 97 -14.67 10.22 8.45
C THR D 97 -14.00 9.27 7.48
N ALA D 98 -14.00 7.99 7.82
CA ALA D 98 -13.25 7.01 7.03
C ALA D 98 -13.80 6.92 5.62
N VAL D 99 -15.12 6.85 5.48
CA VAL D 99 -15.69 6.68 4.15
C VAL D 99 -15.44 7.93 3.32
N ARG D 100 -15.61 9.10 3.91
CA ARG D 100 -15.20 10.33 3.24
C ARG D 100 -13.78 10.22 2.74
N LEU D 101 -12.90 9.67 3.57
CA LEU D 101 -11.51 9.52 3.18
C LEU D 101 -11.37 8.59 1.97
N LEU D 102 -12.04 7.44 2.00
CA LEU D 102 -11.89 6.48 0.92
C LEU D 102 -12.75 6.75 -0.30
N LEU D 103 -13.63 7.74 -0.27
CA LEU D 103 -14.47 7.81 -1.44
C LEU D 103 -14.32 9.14 -2.15
N PRO D 104 -14.28 9.12 -3.48
CA PRO D 104 -14.19 10.38 -4.23
C PRO D 104 -15.52 11.12 -4.34
N GLY D 105 -15.42 12.44 -4.32
CA GLY D 105 -16.39 13.38 -4.86
C GLY D 105 -17.86 13.04 -4.69
N GLU D 106 -18.58 13.07 -5.82
CA GLU D 106 -20.03 12.90 -5.81
C GLU D 106 -20.43 11.65 -5.03
N LEU D 107 -19.72 10.55 -5.25
CA LEU D 107 -19.99 9.34 -4.49
C LEU D 107 -19.80 9.59 -3.01
N ALA D 108 -18.73 10.29 -2.64
CA ALA D 108 -18.50 10.60 -1.23
C ALA D 108 -19.67 11.39 -0.65
N LYS D 109 -20.11 12.42 -1.37
CA LYS D 109 -21.20 13.25 -0.90
C LYS D 109 -22.48 12.43 -0.70
N HIS D 110 -22.89 11.69 -1.72
CA HIS D 110 -24.11 10.90 -1.58
C HIS D 110 -23.97 9.84 -0.51
N ALA D 111 -22.78 9.28 -0.33
CA ALA D 111 -22.60 8.26 0.69
C ALA D 111 -22.75 8.87 2.08
N VAL D 112 -22.10 10.00 2.31
CA VAL D 112 -22.26 10.71 3.58
C VAL D 112 -23.74 11.02 3.82
N SER D 113 -24.43 11.49 2.78
CA SER D 113 -25.85 11.80 2.91
C SER D 113 -26.63 10.57 3.34
N GLU D 114 -26.43 9.45 2.65
CA GLU D 114 -27.18 8.25 2.99
C GLU D 114 -26.87 7.80 4.41
N GLY D 115 -25.60 7.83 4.79
CA GLY D 115 -25.24 7.43 6.13
C GLY D 115 -25.88 8.28 7.20
N THR D 116 -25.81 9.61 7.04
CA THR D 116 -26.43 10.48 8.03
C THR D 116 -27.94 10.27 8.08
N LYS D 117 -28.57 10.13 6.91
CA LYS D 117 -30.02 9.93 6.88
C LYS D 117 -30.40 8.65 7.60
N ALA D 118 -29.62 7.58 7.38
CA ALA D 118 -29.91 6.32 8.05
C ALA D 118 -29.68 6.43 9.56
N VAL D 119 -28.62 7.13 9.95
CA VAL D 119 -28.34 7.31 11.37
C VAL D 119 -29.50 8.03 12.03
N THR D 120 -30.01 9.08 11.39
CA THR D 120 -31.17 9.77 11.92
C THR D 120 -32.37 8.85 11.99
N LYS D 121 -32.74 8.25 10.86
CA LYS D 121 -33.91 7.37 10.81
C LYS D 121 -33.81 6.23 11.82
N TYR D 122 -32.61 5.93 12.28
CA TYR D 122 -32.46 5.04 13.43
C TYR D 122 -32.72 5.78 14.73
N THR D 123 -31.89 6.78 15.02
CA THR D 123 -31.86 7.38 16.35
C THR D 123 -33.17 8.09 16.65
N SER D 124 -33.51 9.12 15.87
CA SER D 124 -34.71 9.91 16.13
C SER D 124 -35.94 9.15 15.64
N SER D 125 -36.09 7.95 16.18
CA SER D 125 -37.15 7.03 15.79
C SER D 125 -37.27 5.97 16.87
N LYS D 126 -38.24 5.08 16.70
CA LYS D 126 -38.38 3.94 17.60
C LYS D 126 -37.40 2.87 17.16
N GLU E 60 -9.96 -18.27 -22.24
CA GLU E 60 -9.22 -18.90 -21.16
C GLU E 60 -7.86 -18.24 -20.99
N LEU E 61 -6.92 -18.97 -20.42
CA LEU E 61 -5.56 -18.46 -20.22
C LEU E 61 -4.67 -18.86 -21.39
N LEU E 62 -3.50 -18.22 -21.46
CA LEU E 62 -2.68 -18.24 -22.66
C LEU E 62 -1.41 -19.05 -22.53
N ILE E 63 -1.08 -19.57 -21.35
CA ILE E 63 0.13 -20.34 -21.15
C ILE E 63 -0.23 -21.80 -20.91
N ARG E 64 0.51 -22.71 -21.55
CA ARG E 64 0.30 -24.12 -21.32
C ARG E 64 0.62 -24.47 -19.87
N LYS E 65 -0.27 -25.22 -19.24
CA LYS E 65 -0.18 -25.40 -17.79
C LYS E 65 1.07 -26.16 -17.41
N LEU E 66 1.30 -27.33 -18.00
CA LEU E 66 2.43 -28.16 -17.59
C LEU E 66 3.78 -27.47 -17.68
N PRO E 67 4.09 -26.68 -18.71
CA PRO E 67 5.31 -25.87 -18.65
C PRO E 67 5.35 -25.00 -17.41
N PHE E 68 4.22 -24.39 -17.09
CA PHE E 68 4.16 -23.55 -15.90
C PHE E 68 4.41 -24.36 -14.64
N GLN E 69 3.89 -25.58 -14.59
CA GLN E 69 4.14 -26.43 -13.44
C GLN E 69 5.63 -26.72 -13.30
N ARG E 70 6.25 -27.14 -14.39
CA ARG E 70 7.70 -27.37 -14.38
C ARG E 70 8.43 -26.16 -13.83
N LEU E 71 8.06 -24.97 -14.31
CA LEU E 71 8.81 -23.78 -13.90
C LEU E 71 8.55 -23.45 -12.44
N VAL E 72 7.29 -23.50 -12.01
CA VAL E 72 6.95 -23.19 -10.64
C VAL E 72 7.66 -24.15 -9.70
N ARG E 73 7.71 -25.43 -10.06
CA ARG E 73 8.40 -26.38 -9.21
C ARG E 73 9.88 -26.08 -9.14
N GLU E 74 10.51 -25.75 -10.27
CA GLU E 74 11.93 -25.40 -10.24
C GLU E 74 12.18 -24.21 -9.30
N ILE E 75 11.34 -23.19 -9.43
CA ILE E 75 11.60 -21.96 -8.67
C ILE E 75 11.34 -22.20 -7.20
N ALA E 76 10.31 -22.96 -6.86
CA ALA E 76 10.16 -23.26 -5.45
C ALA E 76 11.30 -24.15 -4.99
N GLN E 77 11.82 -24.98 -5.91
CA GLN E 77 12.85 -25.95 -5.59
C GLN E 77 14.05 -25.25 -4.98
N ASP E 78 14.48 -24.15 -5.59
CA ASP E 78 15.68 -23.55 -5.02
C ASP E 78 15.48 -23.04 -3.59
N PHE E 79 14.27 -23.14 -3.04
CA PHE E 79 13.93 -22.65 -1.72
C PHE E 79 13.67 -23.76 -0.71
N LYS E 80 13.03 -24.85 -1.13
CA LYS E 80 12.82 -26.00 -0.26
C LYS E 80 12.38 -27.21 -1.07
N THR E 81 13.05 -28.33 -0.88
CA THR E 81 12.83 -29.50 -1.70
C THR E 81 11.48 -30.15 -1.38
N ASP E 82 11.03 -30.98 -2.33
CA ASP E 82 9.84 -31.81 -2.22
C ASP E 82 8.65 -31.08 -1.62
N LEU E 83 8.41 -29.86 -2.06
CA LEU E 83 7.21 -29.16 -1.65
C LEU E 83 6.13 -29.36 -2.69
N ARG E 84 4.89 -29.35 -2.22
CA ARG E 84 3.76 -29.63 -3.08
C ARG E 84 2.85 -28.42 -3.15
N PHE E 85 1.88 -28.47 -4.05
CA PHE E 85 1.12 -27.28 -4.42
C PHE E 85 -0.33 -27.64 -4.70
N GLN E 86 -1.25 -26.98 -4.00
CA GLN E 86 -2.64 -27.00 -4.41
C GLN E 86 -2.74 -26.61 -5.88
N SER E 87 -3.23 -27.54 -6.69
CA SER E 87 -3.31 -27.29 -8.12
C SER E 87 -4.06 -26.00 -8.42
N SER E 88 -5.17 -25.77 -7.71
CA SER E 88 -5.88 -24.51 -7.88
C SER E 88 -4.99 -23.33 -7.56
N ALA E 89 -4.05 -23.50 -6.63
CA ALA E 89 -3.16 -22.39 -6.29
C ALA E 89 -2.25 -22.05 -7.45
N VAL E 90 -1.66 -23.06 -8.10
CA VAL E 90 -0.83 -22.75 -9.26
C VAL E 90 -1.69 -22.21 -10.38
N MET E 91 -2.95 -22.65 -10.48
CA MET E 91 -3.85 -22.08 -11.46
C MET E 91 -4.00 -20.58 -11.25
N ALA E 92 -4.36 -20.18 -10.03
CA ALA E 92 -4.54 -18.76 -9.73
C ALA E 92 -3.24 -18.00 -9.91
N LEU E 93 -2.11 -18.63 -9.57
CA LEU E 93 -0.83 -17.96 -9.74
C LEU E 93 -0.55 -17.67 -11.20
N GLN E 94 -0.73 -18.68 -12.06
CA GLN E 94 -0.59 -18.46 -13.49
C GLN E 94 -1.49 -17.34 -13.96
N GLU E 95 -2.76 -17.37 -13.54
CA GLU E 95 -3.68 -16.30 -13.89
C GLU E 95 -3.10 -14.94 -13.53
N ALA E 96 -2.64 -14.81 -12.29
CA ALA E 96 -2.21 -13.50 -11.79
C ALA E 96 -0.96 -13.03 -12.52
N CYS E 97 0.04 -13.89 -12.66
CA CYS E 97 1.27 -13.46 -13.29
C CYS E 97 1.03 -13.14 -14.76
N GLU E 98 0.21 -13.94 -15.43
CA GLU E 98 -0.15 -13.62 -16.80
C GLU E 98 -0.77 -12.24 -16.89
N ALA E 99 -1.72 -11.96 -16.00
CA ALA E 99 -2.33 -10.63 -15.99
C ALA E 99 -1.28 -9.55 -15.76
N TYR E 100 -0.34 -9.82 -14.86
CA TYR E 100 0.68 -8.83 -14.55
C TYR E 100 1.55 -8.54 -15.77
N LEU E 101 1.96 -9.60 -16.46
CA LEU E 101 2.73 -9.41 -17.68
C LEU E 101 1.93 -8.69 -18.74
N VAL E 102 0.63 -8.96 -18.80
CA VAL E 102 -0.24 -8.23 -19.72
C VAL E 102 -0.18 -6.74 -19.42
N GLY E 103 -0.36 -6.38 -18.16
CA GLY E 103 -0.26 -4.98 -17.79
C GLY E 103 1.09 -4.38 -18.17
N LEU E 104 2.15 -5.14 -17.95
CA LEU E 104 3.48 -4.66 -18.32
C LEU E 104 3.57 -4.41 -19.81
N PHE E 105 3.07 -5.34 -20.62
CA PHE E 105 3.05 -5.12 -22.06
C PHE E 105 2.25 -3.89 -22.44
N GLU E 106 1.12 -3.68 -21.76
CA GLU E 106 0.30 -2.51 -22.06
C GLU E 106 1.09 -1.24 -21.87
N ASP E 107 1.72 -1.10 -20.70
CA ASP E 107 2.52 0.11 -20.47
C ASP E 107 3.71 0.17 -21.42
N THR E 108 4.27 -0.98 -21.77
CA THR E 108 5.36 -1.01 -22.75
C THR E 108 4.91 -0.41 -24.07
N ASN E 109 3.73 -0.82 -24.53
CA ASN E 109 3.20 -0.32 -25.79
C ASN E 109 2.93 1.16 -25.72
N LEU E 110 2.40 1.61 -24.59
CA LEU E 110 2.26 3.04 -24.36
C LEU E 110 3.58 3.76 -24.61
N CYS E 111 4.63 3.31 -23.93
CA CYS E 111 5.92 3.99 -24.03
C CYS E 111 6.46 3.93 -25.46
N ALA E 112 6.30 2.76 -26.11
CA ALA E 112 6.80 2.62 -27.48
C ALA E 112 6.09 3.60 -28.40
N ILE E 113 4.78 3.70 -28.29
CA ILE E 113 4.04 4.69 -29.06
C ILE E 113 4.60 6.08 -28.79
N HIS E 114 4.88 6.38 -27.52
CA HIS E 114 5.56 7.62 -27.21
C HIS E 114 6.90 7.73 -27.93
N ALA E 115 7.58 6.62 -28.13
CA ALA E 115 8.83 6.62 -28.86
C ALA E 115 8.62 6.69 -30.36
N LYS E 116 7.40 6.96 -30.79
CA LYS E 116 7.04 7.11 -32.20
C LYS E 116 7.42 5.91 -33.04
N ARG E 117 7.68 4.78 -32.39
CA ARG E 117 7.93 3.53 -33.08
C ARG E 117 6.94 2.49 -32.56
N VAL E 118 6.56 1.55 -33.42
CA VAL E 118 5.44 0.67 -33.10
C VAL E 118 5.90 -0.71 -32.66
N THR E 119 7.15 -1.07 -32.93
CA THR E 119 7.72 -2.32 -32.45
C THR E 119 8.28 -2.13 -31.04
N ILE E 120 8.58 -3.23 -30.36
CA ILE E 120 9.09 -3.15 -28.99
C ILE E 120 10.53 -3.64 -28.95
N MET E 121 11.32 -3.02 -28.07
CA MET E 121 12.71 -3.35 -27.86
C MET E 121 13.02 -3.34 -26.37
N PRO E 122 13.89 -4.25 -25.91
CA PRO E 122 14.16 -4.38 -24.47
C PRO E 122 14.45 -3.09 -23.74
N LYS E 123 14.89 -2.06 -24.46
CA LYS E 123 14.98 -0.75 -23.84
C LYS E 123 13.62 -0.32 -23.31
N ASP E 124 12.55 -0.68 -24.01
CA ASP E 124 11.21 -0.31 -23.56
C ASP E 124 10.89 -1.00 -22.25
N ILE E 125 11.12 -2.31 -22.18
CA ILE E 125 10.88 -3.05 -20.95
C ILE E 125 11.72 -2.48 -19.81
N GLN E 126 13.00 -2.25 -20.06
CA GLN E 126 13.86 -1.74 -19.00
C GLN E 126 13.35 -0.40 -18.50
N LEU E 127 13.00 0.50 -19.41
CA LEU E 127 12.48 1.79 -19.01
C LEU E 127 11.21 1.63 -18.19
N ALA E 128 10.29 0.80 -18.66
CA ALA E 128 9.04 0.59 -17.95
C ALA E 128 9.31 0.14 -16.52
N ARG E 129 10.00 -0.99 -16.37
CA ARG E 129 10.26 -1.51 -15.04
C ARG E 129 11.12 -0.59 -14.21
N ARG E 130 11.80 0.36 -14.83
CA ARG E 130 12.45 1.41 -14.05
C ARG E 130 11.47 2.48 -13.60
N ILE E 131 10.41 2.72 -14.37
CA ILE E 131 9.49 3.79 -14.04
C ILE E 131 8.51 3.37 -12.97
N ARG E 132 7.86 2.23 -13.15
CA ARG E 132 6.93 1.74 -12.15
C ARG E 132 7.60 1.72 -10.78
N GLY E 133 8.78 1.11 -10.71
CA GLY E 133 9.55 1.12 -9.48
C GLY E 133 10.10 -0.23 -9.08
N GLU E 134 9.82 -1.26 -9.89
CA GLU E 134 10.32 -2.58 -9.56
C GLU E 134 11.84 -2.64 -9.60
N ARG E 135 12.47 -1.72 -10.34
CA ARG E 135 13.93 -1.56 -10.43
C ARG E 135 14.66 -2.90 -10.38
N ALA E 136 14.20 -3.83 -11.19
CA ALA E 136 14.85 -5.12 -11.29
C ALA E 136 15.32 -5.36 -12.73
N ARG F 24 16.88 -27.96 -16.36
CA ARG F 24 17.05 -28.20 -17.79
C ARG F 24 16.06 -27.38 -18.60
N ASP F 25 16.55 -26.30 -19.22
CA ASP F 25 15.77 -25.41 -20.09
C ASP F 25 14.41 -25.10 -19.50
N ASN F 26 14.33 -25.00 -18.18
CA ASN F 26 13.04 -24.82 -17.52
C ASN F 26 12.39 -23.52 -17.94
N ILE F 27 13.13 -22.41 -17.85
CA ILE F 27 12.62 -21.11 -18.26
C ILE F 27 12.28 -21.09 -19.74
N GLN F 28 12.93 -21.95 -20.54
CA GLN F 28 12.61 -22.06 -21.96
C GLN F 28 11.16 -22.45 -22.21
N GLY F 29 10.46 -22.99 -21.21
CA GLY F 29 9.11 -23.46 -21.42
C GLY F 29 8.17 -22.40 -21.96
N ILE F 30 8.48 -21.13 -21.72
CA ILE F 30 7.64 -20.05 -22.20
C ILE F 30 7.82 -19.93 -23.72
N THR F 31 6.81 -20.35 -24.46
CA THR F 31 6.94 -20.41 -25.91
C THR F 31 6.87 -19.01 -26.51
N LYS F 32 7.51 -18.87 -27.65
CA LYS F 32 7.34 -17.64 -28.43
C LYS F 32 5.88 -17.41 -28.81
N PRO F 33 5.17 -18.37 -29.39
CA PRO F 33 3.77 -18.10 -29.74
C PRO F 33 2.91 -17.80 -28.54
N ALA F 34 3.25 -18.35 -27.37
CA ALA F 34 2.51 -18.00 -26.17
C ALA F 34 2.58 -16.51 -25.93
N ILE F 35 3.79 -15.96 -25.93
CA ILE F 35 3.93 -14.53 -25.69
C ILE F 35 3.31 -13.73 -26.82
N ARG F 36 3.33 -14.27 -28.04
CA ARG F 36 2.70 -13.57 -29.15
C ARG F 36 1.20 -13.43 -28.92
N ARG F 37 0.52 -14.55 -28.69
CA ARG F 37 -0.91 -14.51 -28.40
C ARG F 37 -1.19 -13.66 -27.19
N LEU F 38 -0.25 -13.60 -26.25
CA LEU F 38 -0.40 -12.76 -25.07
C LEU F 38 -0.44 -11.29 -25.47
N ALA F 39 0.67 -10.82 -26.05
CA ALA F 39 0.75 -9.43 -26.51
C ALA F 39 -0.44 -9.06 -27.36
N ARG F 40 -0.96 -10.01 -28.14
CA ARG F 40 -2.16 -9.73 -28.91
C ARG F 40 -3.35 -9.53 -28.00
N ARG F 41 -3.55 -10.42 -27.03
CA ARG F 41 -4.56 -10.16 -26.00
C ARG F 41 -4.17 -8.96 -25.15
N GLY F 42 -2.90 -8.58 -25.16
CA GLY F 42 -2.41 -7.45 -24.40
C GLY F 42 -2.51 -6.12 -25.10
N GLY F 43 -2.94 -6.09 -26.35
CA GLY F 43 -3.22 -4.86 -27.06
C GLY F 43 -2.16 -4.41 -28.03
N VAL F 44 -0.95 -4.94 -27.96
CA VAL F 44 0.10 -4.56 -28.90
C VAL F 44 0.24 -5.66 -29.96
N LYS F 45 0.56 -5.24 -31.18
CA LYS F 45 0.46 -6.13 -32.33
C LYS F 45 1.79 -6.51 -32.96
N ARG F 46 2.81 -5.66 -32.90
CA ARG F 46 4.10 -5.97 -33.53
C ARG F 46 5.21 -6.12 -32.51
N ILE F 47 5.45 -7.36 -32.09
CA ILE F 47 6.41 -7.68 -31.03
C ILE F 47 7.69 -8.17 -31.68
N SER F 48 8.79 -7.44 -31.48
CA SER F 48 9.87 -7.61 -32.45
C SER F 48 10.51 -8.98 -32.44
N GLY F 49 11.55 -9.18 -31.64
CA GLY F 49 11.95 -10.54 -31.32
C GLY F 49 12.74 -10.68 -30.04
N LEU F 50 13.35 -9.58 -29.58
CA LEU F 50 14.42 -9.70 -28.60
C LEU F 50 13.90 -9.53 -27.19
N ILE F 51 12.73 -10.11 -26.92
CA ILE F 51 12.07 -9.90 -25.64
C ILE F 51 11.60 -11.19 -25.02
N TYR F 52 11.39 -12.24 -25.82
CA TYR F 52 11.06 -13.54 -25.26
C TYR F 52 12.03 -13.89 -24.14
N GLU F 53 13.32 -13.70 -24.40
CA GLU F 53 14.30 -13.74 -23.32
C GLU F 53 13.92 -12.76 -22.21
N GLU F 54 13.65 -11.51 -22.58
CA GLU F 54 13.42 -10.49 -21.56
C GLU F 54 12.13 -10.76 -20.79
N THR F 55 11.10 -11.21 -21.49
CA THR F 55 9.89 -11.63 -20.81
C THR F 55 10.20 -12.74 -19.82
N ARG F 56 11.00 -13.72 -20.26
CA ARG F 56 11.40 -14.78 -19.35
C ARG F 56 12.04 -14.21 -18.11
N GLY F 57 12.93 -13.25 -18.28
CA GLY F 57 13.62 -12.67 -17.13
C GLY F 57 12.68 -11.99 -16.16
N VAL F 58 11.81 -11.12 -16.68
CA VAL F 58 10.92 -10.36 -15.81
C VAL F 58 9.93 -11.30 -15.12
N LEU F 59 9.39 -12.27 -15.86
CA LEU F 59 8.49 -13.20 -15.23
C LEU F 59 9.21 -14.01 -14.17
N LYS F 60 10.46 -14.38 -14.43
CA LYS F 60 11.27 -15.06 -13.43
C LYS F 60 11.38 -14.24 -12.16
N VAL F 61 11.73 -12.96 -12.27
CA VAL F 61 11.87 -12.14 -11.07
C VAL F 61 10.55 -12.04 -10.32
N PHE F 62 9.48 -11.72 -11.03
CA PHE F 62 8.19 -11.54 -10.37
C PHE F 62 7.79 -12.81 -9.64
N LEU F 63 7.88 -13.95 -10.34
CA LEU F 63 7.63 -15.23 -9.70
C LEU F 63 8.51 -15.44 -8.50
N GLU F 64 9.79 -15.07 -8.59
CA GLU F 64 10.69 -15.21 -7.45
C GLU F 64 10.09 -14.55 -6.23
N ASN F 65 9.74 -13.26 -6.37
CA ASN F 65 9.21 -12.54 -5.23
C ASN F 65 7.94 -13.18 -4.70
N VAL F 66 6.95 -13.38 -5.58
CA VAL F 66 5.67 -13.87 -5.11
C VAL F 66 5.82 -15.23 -4.47
N ILE F 67 6.67 -16.07 -5.04
CA ILE F 67 6.73 -17.44 -4.56
C ILE F 67 7.52 -17.51 -3.26
N ARG F 68 8.50 -16.63 -3.08
CA ARG F 68 9.16 -16.56 -1.78
C ARG F 68 8.15 -16.19 -0.71
N ASP F 69 7.33 -15.18 -1.00
CA ASP F 69 6.32 -14.78 -0.03
C ASP F 69 5.34 -15.92 0.24
N ALA F 70 4.93 -16.62 -0.83
CA ALA F 70 3.98 -17.71 -0.66
C ALA F 70 4.57 -18.81 0.20
N VAL F 71 5.80 -19.20 -0.08
CA VAL F 71 6.37 -20.32 0.67
C VAL F 71 6.63 -19.93 2.12
N THR F 72 7.00 -18.67 2.38
CA THR F 72 7.07 -18.25 3.77
C THR F 72 5.70 -18.42 4.44
N TYR F 73 4.65 -17.86 3.86
CA TYR F 73 3.31 -18.02 4.41
C TYR F 73 3.01 -19.48 4.71
N THR F 74 3.27 -20.35 3.74
CA THR F 74 2.98 -21.77 3.89
C THR F 74 3.70 -22.33 5.09
N GLU F 75 5.04 -22.36 5.02
CA GLU F 75 5.79 -23.08 6.05
C GLU F 75 5.53 -22.49 7.42
N HIS F 76 5.22 -21.19 7.48
CA HIS F 76 4.82 -20.61 8.75
C HIS F 76 3.64 -21.34 9.35
N ALA F 77 2.75 -21.86 8.51
CA ALA F 77 1.68 -22.70 9.03
C ALA F 77 2.15 -24.09 9.40
N LYS F 78 3.47 -24.31 9.43
CA LYS F 78 4.06 -25.60 9.75
C LYS F 78 3.62 -26.67 8.77
N ARG F 79 3.19 -26.26 7.59
CA ARG F 79 2.70 -27.17 6.57
C ARG F 79 3.77 -27.37 5.50
N LYS F 80 3.47 -28.25 4.54
CA LYS F 80 4.45 -28.61 3.53
C LYS F 80 3.89 -28.57 2.11
N THR F 81 2.66 -28.11 1.93
CA THR F 81 2.14 -27.82 0.60
C THR F 81 1.65 -26.38 0.58
N VAL F 82 1.52 -25.84 -0.62
CA VAL F 82 1.07 -24.47 -0.83
C VAL F 82 -0.41 -24.47 -1.14
N THR F 83 -1.14 -23.53 -0.55
CA THR F 83 -2.56 -23.35 -0.79
C THR F 83 -2.83 -22.03 -1.50
N ALA F 84 -4.02 -21.93 -2.09
CA ALA F 84 -4.39 -20.72 -2.81
C ALA F 84 -4.39 -19.52 -1.88
N MET F 85 -4.93 -19.67 -0.69
CA MET F 85 -4.92 -18.58 0.28
C MET F 85 -3.52 -18.02 0.46
N ASP F 86 -2.51 -18.86 0.35
CA ASP F 86 -1.14 -18.39 0.48
C ASP F 86 -0.78 -17.41 -0.62
N VAL F 87 -1.00 -17.82 -1.88
CA VAL F 87 -0.67 -16.93 -2.99
C VAL F 87 -1.49 -15.65 -2.92
N VAL F 88 -2.76 -15.75 -2.53
CA VAL F 88 -3.57 -14.55 -2.49
C VAL F 88 -3.04 -13.59 -1.41
N TYR F 89 -2.70 -14.12 -0.24
CA TYR F 89 -2.02 -13.30 0.76
C TYR F 89 -0.80 -12.63 0.14
N ALA F 90 0.01 -13.41 -0.57
CA ALA F 90 1.22 -12.86 -1.17
C ALA F 90 0.89 -11.68 -2.06
N LEU F 91 -0.07 -11.85 -2.95
CA LEU F 91 -0.40 -10.78 -3.88
C LEU F 91 -0.94 -9.57 -3.16
N LYS F 92 -1.68 -9.79 -2.06
CA LYS F 92 -2.10 -8.66 -1.24
C LYS F 92 -0.89 -7.94 -0.67
N ARG F 93 0.17 -8.68 -0.35
CA ARG F 93 1.35 -8.05 0.21
C ARG F 93 2.01 -7.13 -0.81
N GLN F 94 2.07 -7.54 -2.07
CA GLN F 94 2.66 -6.71 -3.11
C GLN F 94 1.73 -5.61 -3.59
N GLY F 95 0.54 -5.49 -3.03
CA GLY F 95 -0.41 -4.51 -3.54
C GLY F 95 -1.01 -4.89 -4.86
N ARG F 96 -1.12 -6.19 -5.14
CA ARG F 96 -1.74 -6.70 -6.34
C ARG F 96 -2.78 -7.75 -5.99
N THR F 97 -3.66 -7.40 -5.06
CA THR F 97 -4.66 -8.33 -4.57
C THR F 97 -5.60 -8.77 -5.70
N LEU F 98 -6.06 -10.01 -5.59
CA LEU F 98 -6.98 -10.60 -6.55
C LEU F 98 -8.18 -11.12 -5.79
N TYR F 99 -9.26 -11.36 -6.52
CA TYR F 99 -10.56 -11.60 -5.90
C TYR F 99 -11.01 -13.04 -6.09
N GLY F 100 -11.90 -13.48 -5.20
CA GLY F 100 -12.69 -14.67 -5.41
C GLY F 100 -12.52 -15.75 -4.36
N PHE F 101 -11.44 -15.73 -3.58
CA PHE F 101 -11.08 -16.92 -2.83
C PHE F 101 -11.06 -16.75 -1.33
N GLY F 102 -10.36 -15.74 -0.81
CA GLY F 102 -10.39 -15.49 0.62
C GLY F 102 -10.34 -14.04 1.05
N GLY F 103 -10.12 -13.14 0.09
CA GLY F 103 -9.97 -11.73 0.39
C GLY F 103 -8.84 -11.37 1.34
N ALA G 17 17.49 -11.78 39.41
CA ALA G 17 16.55 -10.85 38.78
C ALA G 17 17.26 -9.97 37.76
N VAL G 18 17.19 -10.36 36.50
CA VAL G 18 17.88 -9.65 35.42
C VAL G 18 16.86 -9.15 34.42
N SER G 19 17.12 -7.95 33.87
CA SER G 19 16.32 -7.46 32.77
C SER G 19 16.41 -8.43 31.60
N ARG G 20 15.25 -8.79 31.05
CA ARG G 20 15.19 -9.78 29.98
C ARG G 20 16.13 -9.42 28.84
N SER G 21 16.14 -8.15 28.43
CA SER G 21 17.06 -7.71 27.39
C SER G 21 18.50 -7.82 27.89
N GLN G 22 18.75 -7.34 29.11
CA GLN G 22 20.05 -7.55 29.73
C GLN G 22 20.33 -9.04 29.89
N ARG G 23 19.31 -9.82 30.23
CA ARG G 23 19.50 -11.26 30.38
C ARG G 23 20.06 -11.87 29.11
N ALA G 24 19.30 -11.80 28.02
CA ALA G 24 19.81 -12.28 26.74
C ALA G 24 20.94 -11.43 26.20
N GLY G 25 21.29 -10.35 26.89
CA GLY G 25 22.38 -9.49 26.42
C GLY G 25 22.04 -8.72 25.17
N LEU G 26 20.82 -8.19 25.09
CA LEU G 26 20.41 -7.40 23.94
C LEU G 26 20.06 -5.99 24.39
N GLN G 27 20.29 -5.03 23.50
CA GLN G 27 20.26 -3.64 23.90
C GLN G 27 18.88 -3.01 23.77
N PHE G 28 17.96 -3.64 23.04
CA PHE G 28 16.74 -2.86 22.99
C PHE G 28 15.81 -3.24 24.15
N PRO G 29 15.09 -2.26 24.71
CA PRO G 29 14.31 -2.54 25.92
C PRO G 29 13.11 -3.42 25.63
N VAL G 30 13.22 -4.69 26.02
CA VAL G 30 12.23 -5.68 25.62
C VAL G 30 10.88 -5.39 26.23
N GLY G 31 10.84 -4.79 27.42
CA GLY G 31 9.57 -4.48 28.04
C GLY G 31 8.79 -3.44 27.27
N ARG G 32 9.46 -2.36 26.88
CA ARG G 32 8.81 -1.32 26.09
C ARG G 32 8.27 -1.88 24.80
N ILE G 33 9.07 -2.71 24.12
CA ILE G 33 8.60 -3.38 22.91
C ILE G 33 7.36 -4.19 23.21
N HIS G 34 7.42 -4.99 24.27
CA HIS G 34 6.28 -5.80 24.66
C HIS G 34 5.04 -4.93 24.82
N ARG G 35 5.20 -3.77 25.44
CA ARG G 35 4.08 -2.86 25.62
C ARG G 35 3.54 -2.39 24.28
N HIS G 36 4.41 -1.82 23.46
CA HIS G 36 3.98 -1.28 22.17
C HIS G 36 3.24 -2.34 21.38
N LEU G 37 3.68 -3.60 21.48
CA LEU G 37 2.96 -4.65 20.81
C LEU G 37 1.61 -4.89 21.48
N LYS G 38 1.58 -4.83 22.81
CA LYS G 38 0.32 -4.90 23.53
C LYS G 38 -0.64 -3.81 23.10
N THR G 39 -0.15 -2.75 22.48
CA THR G 39 -1.06 -1.72 22.00
C THR G 39 -1.81 -2.14 20.76
N ARG G 40 -1.49 -3.27 20.15
CA ARG G 40 -2.12 -3.68 18.90
C ARG G 40 -2.46 -5.16 18.91
N THR G 41 -3.04 -5.64 20.00
CA THR G 41 -3.31 -7.07 20.15
C THR G 41 -4.57 -7.52 19.44
N THR G 42 -5.49 -6.61 19.13
CA THR G 42 -6.84 -6.96 18.67
C THR G 42 -7.55 -7.82 19.70
N SER G 43 -7.48 -7.40 20.96
CA SER G 43 -8.30 -7.87 22.08
C SER G 43 -7.92 -9.25 22.56
N HIS G 44 -7.06 -9.96 21.84
CA HIS G 44 -6.69 -11.31 22.24
C HIS G 44 -5.22 -11.63 22.03
N GLY G 45 -4.41 -10.67 21.59
CA GLY G 45 -3.01 -10.94 21.32
C GLY G 45 -2.24 -11.17 22.61
N ARG G 46 -1.66 -12.35 22.75
CA ARG G 46 -0.78 -12.65 23.87
C ARG G 46 0.65 -12.63 23.37
N VAL G 47 1.51 -11.91 24.07
CA VAL G 47 2.85 -11.63 23.59
C VAL G 47 3.78 -12.73 24.08
N GLY G 48 4.04 -13.71 23.24
CA GLY G 48 5.13 -14.61 23.49
C GLY G 48 6.41 -13.85 23.76
N ALA G 49 6.87 -13.86 25.01
CA ALA G 49 8.02 -13.04 25.39
C ALA G 49 9.16 -13.22 24.38
N THR G 50 9.43 -14.46 24.02
CA THR G 50 10.43 -14.73 22.99
C THR G 50 10.12 -13.99 21.70
N ALA G 51 8.85 -13.74 21.38
CA ALA G 51 8.57 -12.92 20.21
C ALA G 51 9.12 -11.52 20.41
N ALA G 52 8.96 -10.96 21.61
CA ALA G 52 9.57 -9.68 21.90
C ALA G 52 11.08 -9.75 21.72
N VAL G 53 11.69 -10.84 22.19
CA VAL G 53 13.14 -11.01 22.03
C VAL G 53 13.51 -10.98 20.57
N TYR G 54 12.83 -11.79 19.77
CA TYR G 54 13.11 -11.88 18.34
C TYR G 54 13.02 -10.51 17.70
N SER G 55 11.93 -9.78 17.98
CA SER G 55 11.74 -8.46 17.40
C SER G 55 12.86 -7.52 17.79
N ALA G 56 13.21 -7.51 19.08
CA ALA G 56 14.25 -6.61 19.55
C ALA G 56 15.56 -6.87 18.84
N ALA G 57 15.95 -8.15 18.76
CA ALA G 57 17.18 -8.49 18.08
C ALA G 57 17.13 -8.10 16.60
N ILE G 58 15.95 -8.27 15.98
CA ILE G 58 15.81 -7.90 14.57
C ILE G 58 16.09 -6.43 14.38
N LEU G 59 15.38 -5.59 15.14
CA LEU G 59 15.60 -4.16 15.07
C LEU G 59 17.07 -3.84 15.30
N GLU G 60 17.66 -4.45 16.33
CA GLU G 60 19.04 -4.16 16.68
C GLU G 60 19.97 -4.43 15.51
N TYR G 61 19.85 -5.61 14.91
CA TYR G 61 20.75 -5.98 13.82
C TYR G 61 20.56 -5.10 12.61
N LEU G 62 19.31 -4.94 12.17
CA LEU G 62 19.08 -4.17 10.96
C LEU G 62 19.53 -2.73 11.14
N THR G 63 19.29 -2.16 12.31
CA THR G 63 19.72 -0.79 12.56
C THR G 63 21.24 -0.71 12.67
N ALA G 64 21.88 -1.75 13.18
CA ALA G 64 23.33 -1.79 13.18
C ALA G 64 23.85 -1.69 11.75
N GLU G 65 23.23 -2.40 10.83
CA GLU G 65 23.66 -2.32 9.43
C GLU G 65 23.40 -0.93 8.86
N VAL G 66 22.22 -0.37 9.13
CA VAL G 66 21.91 0.98 8.65
C VAL G 66 22.94 1.97 9.15
N LEU G 67 23.28 1.89 10.44
CA LEU G 67 24.23 2.83 11.02
C LEU G 67 25.63 2.59 10.49
N GLU G 68 25.98 1.33 10.24
CA GLU G 68 27.27 1.05 9.62
C GLU G 68 27.39 1.76 8.29
N LEU G 69 26.36 1.62 7.43
CA LEU G 69 26.40 2.27 6.13
C LEU G 69 26.47 3.79 6.27
N ALA G 70 25.66 4.35 7.17
CA ALA G 70 25.65 5.81 7.33
C ALA G 70 26.99 6.30 7.88
N GLY G 71 27.59 5.54 8.79
CA GLY G 71 28.86 5.93 9.38
C GLY G 71 29.99 5.82 8.39
N ASN G 72 29.91 4.86 7.46
CA ASN G 72 30.86 4.87 6.37
C ASN G 72 30.67 6.09 5.49
N ALA G 73 29.43 6.47 5.19
CA ALA G 73 29.23 7.68 4.39
C ALA G 73 29.69 8.93 5.11
N SER G 74 29.77 8.87 6.44
CA SER G 74 30.29 10.03 7.14
C SER G 74 31.79 9.99 7.20
N LYS G 75 32.39 8.82 7.40
CA LYS G 75 33.84 8.78 7.49
C LYS G 75 34.46 9.07 6.12
N ASP G 76 33.91 8.47 5.06
CA ASP G 76 34.37 8.83 3.73
C ASP G 76 34.03 10.28 3.41
N LEU G 77 33.13 10.91 4.17
CA LEU G 77 32.88 12.32 3.98
C LEU G 77 33.72 13.16 4.93
N LYS G 78 34.50 12.51 5.80
CA LYS G 78 35.40 13.15 6.76
C LYS G 78 34.62 14.07 7.70
N VAL G 79 33.52 13.56 8.22
CA VAL G 79 32.68 14.29 9.18
C VAL G 79 32.32 13.35 10.31
N LYS G 80 32.42 13.85 11.54
CA LYS G 80 32.13 13.03 12.71
C LYS G 80 30.69 13.18 13.17
N ARG G 81 29.90 13.97 12.46
CA ARG G 81 28.48 14.18 12.72
C ARG G 81 27.66 13.54 11.60
N ILE G 82 26.36 13.38 11.85
CA ILE G 82 25.49 12.66 10.93
C ILE G 82 24.51 13.65 10.30
N THR G 83 24.23 13.47 9.01
CA THR G 83 23.38 14.35 8.25
C THR G 83 22.32 13.56 7.52
N PRO G 84 21.20 14.20 7.15
CA PRO G 84 20.21 13.53 6.30
C PRO G 84 20.74 13.12 4.94
N ARG G 85 21.62 13.91 4.34
CA ARG G 85 22.16 13.53 3.04
C ARG G 85 23.07 12.32 3.15
N HIS G 86 23.72 12.14 4.31
CA HIS G 86 24.52 10.94 4.54
C HIS G 86 23.68 9.69 4.30
N LEU G 87 22.65 9.52 5.12
CA LEU G 87 21.75 8.37 4.96
C LEU G 87 21.06 8.40 3.62
N GLN G 88 20.84 9.59 3.05
CA GLN G 88 20.26 9.68 1.71
C GLN G 88 21.10 8.90 0.71
N LEU G 89 22.35 9.30 0.55
CA LEU G 89 23.23 8.59 -0.38
C LEU G 89 23.53 7.19 0.11
N ALA G 90 23.41 6.94 1.41
CA ALA G 90 23.61 5.60 1.95
C ALA G 90 22.59 4.64 1.36
N ILE G 91 21.30 4.93 1.55
CA ILE G 91 20.26 4.09 0.98
C ILE G 91 20.30 4.15 -0.54
N ARG G 92 20.72 5.29 -1.10
CA ARG G 92 20.90 5.38 -2.53
C ARG G 92 22.08 4.54 -3.02
N GLY G 93 22.85 3.96 -2.10
CA GLY G 93 23.93 3.07 -2.46
C GLY G 93 23.53 1.60 -2.42
N ASP G 94 22.77 1.20 -1.41
CA ASP G 94 22.39 -0.20 -1.24
C ASP G 94 21.00 -0.44 -1.81
N GLU G 95 20.81 -1.62 -2.38
CA GLU G 95 19.51 -1.98 -2.93
C GLU G 95 18.51 -2.36 -1.84
N GLU G 96 18.88 -3.34 -1.01
CA GLU G 96 17.96 -3.84 0.02
C GLU G 96 17.49 -2.71 0.92
N LEU G 97 18.42 -1.86 1.37
CA LEU G 97 18.04 -0.77 2.27
C LEU G 97 17.06 0.17 1.60
N ASP G 98 17.28 0.47 0.31
CA ASP G 98 16.31 1.26 -0.42
C ASP G 98 14.96 0.56 -0.45
N SER G 99 14.97 -0.77 -0.60
CA SER G 99 13.72 -1.52 -0.61
C SER G 99 12.97 -1.35 0.70
N LEU G 100 13.68 -1.52 1.82
CA LEU G 100 13.03 -1.47 3.12
C LEU G 100 12.39 -0.12 3.38
N ILE G 101 13.04 0.95 2.96
CA ILE G 101 12.53 2.31 3.13
C ILE G 101 11.89 2.70 1.80
N LYS G 102 10.60 2.40 1.67
CA LYS G 102 9.85 2.90 0.53
C LYS G 102 9.55 4.38 0.66
N ALA G 103 9.79 4.98 1.82
CA ALA G 103 9.38 6.34 2.08
C ALA G 103 10.26 7.34 1.35
N THR G 104 9.73 8.55 1.22
CA THR G 104 10.53 9.67 0.75
C THR G 104 11.29 10.26 1.94
N ILE G 105 12.53 10.57 1.72
CA ILE G 105 13.39 11.02 2.81
C ILE G 105 13.20 12.51 2.97
N ALA G 106 13.16 12.96 4.23
CA ALA G 106 13.20 14.38 4.54
C ALA G 106 14.61 14.89 4.28
N GLY G 107 14.76 15.73 3.25
CA GLY G 107 16.06 16.27 2.90
C GLY G 107 16.95 15.26 2.22
N ARG H 34 5.82 11.51 29.27
CA ARG H 34 6.69 10.46 28.76
C ARG H 34 6.23 9.94 27.41
N LYS H 35 6.97 10.29 26.36
CA LYS H 35 6.70 9.84 24.99
C LYS H 35 7.99 9.16 24.51
N GLU H 36 7.93 7.85 24.35
CA GLU H 36 9.14 7.04 24.37
C GLU H 36 9.99 7.28 23.12
N SER H 37 11.29 7.00 23.28
CA SER H 37 12.25 7.06 22.20
C SER H 37 13.30 5.98 22.40
N TYR H 38 14.02 5.69 21.32
CA TYR H 38 15.09 4.71 21.35
C TYR H 38 16.46 5.33 21.20
N SER H 39 16.52 6.66 21.02
CA SER H 39 17.76 7.39 20.84
C SER H 39 18.89 6.86 21.68
N ILE H 40 18.61 6.60 22.96
CA ILE H 40 19.63 6.13 23.89
C ILE H 40 20.17 4.78 23.46
N TYR H 41 19.28 3.88 23.06
CA TYR H 41 19.71 2.55 22.67
C TYR H 41 20.45 2.60 21.34
N VAL H 42 20.00 3.47 20.44
CA VAL H 42 20.76 3.72 19.22
C VAL H 42 22.17 4.12 19.57
N TYR H 43 22.30 5.09 20.49
CA TYR H 43 23.60 5.52 20.97
C TYR H 43 24.42 4.34 21.47
N LYS H 44 23.81 3.48 22.27
CA LYS H 44 24.55 2.38 22.88
C LYS H 44 25.05 1.40 21.83
N VAL H 45 24.17 0.97 20.93
CA VAL H 45 24.59 0.00 19.92
C VAL H 45 25.60 0.63 18.97
N LEU H 46 25.43 1.92 18.66
CA LEU H 46 26.40 2.61 17.83
C LEU H 46 27.77 2.63 18.50
N LYS H 47 27.78 2.90 19.80
CA LYS H 47 29.02 2.75 20.57
C LYS H 47 29.54 1.33 20.49
N GLN H 48 28.65 0.35 20.49
CA GLN H 48 29.06 -1.04 20.37
C GLN H 48 29.73 -1.32 19.03
N VAL H 49 29.40 -0.54 18.00
CA VAL H 49 30.00 -0.71 16.69
C VAL H 49 30.89 0.47 16.31
N HIS H 50 30.45 1.70 16.56
CA HIS H 50 31.21 2.90 16.23
C HIS H 50 31.41 3.69 17.51
N PRO H 51 32.35 3.26 18.37
CA PRO H 51 32.49 3.91 19.68
C PRO H 51 32.96 5.35 19.57
N ASP H 52 33.38 5.79 18.40
CA ASP H 52 34.07 7.06 18.24
C ASP H 52 33.28 8.07 17.42
N THR H 53 32.01 7.80 17.11
CA THR H 53 31.22 8.63 16.20
C THR H 53 30.11 9.36 16.93
N GLY H 54 29.96 10.66 16.63
CA GLY H 54 28.85 11.44 17.13
C GLY H 54 27.73 11.48 16.10
N ILE H 55 26.56 11.93 16.56
CA ILE H 55 25.35 11.95 15.73
C ILE H 55 24.52 13.17 16.09
N SER H 56 24.11 13.91 15.07
CA SER H 56 23.25 15.06 15.29
C SER H 56 21.89 14.64 15.83
N SER H 57 21.24 15.58 16.51
CA SER H 57 19.96 15.28 17.15
C SER H 57 18.86 15.02 16.13
N LYS H 58 18.76 15.86 15.10
CA LYS H 58 17.71 15.67 14.11
C LYS H 58 17.87 14.33 13.40
N ALA H 59 19.11 13.94 13.13
CA ALA H 59 19.35 12.62 12.54
C ALA H 59 18.88 11.51 13.47
N MET H 60 19.16 11.64 14.77
CA MET H 60 18.73 10.63 15.72
C MET H 60 17.21 10.56 15.79
N GLY H 61 16.54 11.71 15.71
CA GLY H 61 15.09 11.72 15.70
C GLY H 61 14.51 11.07 14.46
N ILE H 62 15.13 11.33 13.31
CA ILE H 62 14.68 10.68 12.08
C ILE H 62 14.89 9.17 12.15
N MET H 63 16.03 8.75 12.70
CA MET H 63 16.26 7.34 12.92
C MET H 63 15.17 6.74 13.81
N ASN H 64 14.81 7.47 14.86
CA ASN H 64 13.77 6.98 15.75
C ASN H 64 12.43 6.86 15.05
N SER H 65 12.08 7.86 14.23
CA SER H 65 10.83 7.79 13.48
C SER H 65 10.82 6.60 12.53
N PHE H 66 11.90 6.40 11.80
CA PHE H 66 12.00 5.27 10.89
C PHE H 66 11.88 3.93 11.62
N VAL H 67 12.59 3.80 12.74
CA VAL H 67 12.57 2.53 13.44
C VAL H 67 11.17 2.28 13.99
N ASN H 68 10.49 3.33 14.45
CA ASN H 68 9.12 3.13 14.89
C ASN H 68 8.25 2.68 13.74
N ASP H 69 8.46 3.25 12.55
CA ASP H 69 7.68 2.85 11.39
C ASP H 69 7.87 1.37 11.09
N ILE H 70 9.13 0.94 10.96
CA ILE H 70 9.37 -0.47 10.65
C ILE H 70 8.84 -1.34 11.77
N PHE H 71 8.94 -0.86 13.02
CA PHE H 71 8.45 -1.64 14.14
C PHE H 71 6.96 -1.88 14.01
N GLU H 72 6.20 -0.83 13.77
CA GLU H 72 4.76 -1.01 13.65
C GLU H 72 4.42 -1.85 12.43
N ARG H 73 5.21 -1.73 11.36
CA ARG H 73 5.03 -2.64 10.23
C ARG H 73 5.12 -4.08 10.69
N ILE H 74 6.23 -4.43 11.35
CA ILE H 74 6.40 -5.76 11.89
C ILE H 74 5.19 -6.16 12.72
N ALA H 75 4.76 -5.26 13.60
CA ALA H 75 3.69 -5.60 14.53
C ALA H 75 2.40 -5.92 13.77
N GLY H 76 1.96 -4.98 12.94
CA GLY H 76 0.73 -5.18 12.21
C GLY H 76 0.79 -6.42 11.34
N GLU H 77 1.96 -6.69 10.76
CA GLU H 77 2.07 -7.84 9.88
C GLU H 77 1.95 -9.13 10.68
N ALA H 78 2.63 -9.21 11.83
CA ALA H 78 2.52 -10.41 12.66
C ALA H 78 1.09 -10.59 13.14
N SER H 79 0.40 -9.49 13.42
CA SER H 79 -1.00 -9.59 13.80
C SER H 79 -1.82 -10.19 12.66
N ARG H 80 -1.64 -9.65 11.45
CA ARG H 80 -2.26 -10.24 10.28
C ARG H 80 -1.98 -11.73 10.21
N LEU H 81 -0.72 -12.12 10.43
CA LEU H 81 -0.35 -13.52 10.34
C LEU H 81 -1.15 -14.35 11.33
N ALA H 82 -1.07 -13.99 12.60
CA ALA H 82 -1.79 -14.71 13.64
C ALA H 82 -3.25 -14.86 13.26
N HIS H 83 -3.88 -13.78 12.80
CA HIS H 83 -5.23 -13.89 12.29
C HIS H 83 -5.31 -14.91 11.16
N TYR H 84 -4.29 -14.95 10.31
CA TYR H 84 -4.37 -15.71 9.07
C TYR H 84 -4.19 -17.20 9.29
N ASN H 85 -3.63 -17.61 10.43
CA ASN H 85 -3.71 -19.00 10.84
C ASN H 85 -4.90 -19.25 11.75
N LYS H 86 -5.86 -18.33 11.76
CA LYS H 86 -7.06 -18.45 12.59
C LYS H 86 -6.70 -18.65 14.06
N ARG H 87 -5.61 -18.03 14.50
CA ARG H 87 -5.16 -18.13 15.87
C ARG H 87 -5.32 -16.78 16.57
N SER H 88 -4.82 -16.70 17.79
CA SER H 88 -4.97 -15.51 18.62
C SER H 88 -3.67 -15.00 19.21
N THR H 89 -2.64 -15.82 19.33
CA THR H 89 -1.49 -15.49 20.14
C THR H 89 -0.27 -15.33 19.26
N ILE H 90 0.67 -14.49 19.70
CA ILE H 90 1.87 -14.19 18.94
C ILE H 90 3.07 -14.84 19.59
N THR H 91 3.95 -15.41 18.77
CA THR H 91 5.15 -16.08 19.23
C THR H 91 6.28 -15.78 18.26
N SER H 92 7.51 -15.81 18.77
CA SER H 92 8.72 -15.55 18.01
C SER H 92 8.74 -16.18 16.63
N ARG H 93 8.18 -17.38 16.50
CA ARG H 93 8.08 -18.00 15.19
C ARG H 93 7.38 -17.07 14.20
N GLU H 94 6.43 -16.28 14.68
CA GLU H 94 5.61 -15.49 13.79
C GLU H 94 6.26 -14.15 13.47
N ILE H 95 6.91 -13.53 14.46
CA ILE H 95 7.78 -12.41 14.15
C ILE H 95 8.79 -12.83 13.11
N GLN H 96 9.29 -14.05 13.22
CA GLN H 96 10.22 -14.60 12.24
C GLN H 96 9.58 -14.64 10.86
N THR H 97 8.40 -15.25 10.77
CA THR H 97 7.66 -15.25 9.51
C THR H 97 7.57 -13.85 8.93
N ALA H 98 7.15 -12.89 9.75
CA ALA H 98 6.89 -11.55 9.25
C ALA H 98 8.17 -10.91 8.72
N VAL H 99 9.25 -11.03 9.48
CA VAL H 99 10.49 -10.37 9.06
C VAL H 99 11.02 -11.02 7.80
N ARG H 100 10.99 -12.36 7.74
CA ARG H 100 11.30 -13.03 6.48
C ARG H 100 10.50 -12.44 5.34
N LEU H 101 9.21 -12.20 5.58
CA LEU H 101 8.37 -11.62 4.55
C LEU H 101 8.85 -10.24 4.13
N LEU H 102 9.14 -9.38 5.10
CA LEU H 102 9.53 -8.01 4.77
C LEU H 102 10.99 -7.84 4.40
N LEU H 103 11.81 -8.86 4.49
CA LEU H 103 13.20 -8.53 4.24
C LEU H 103 13.74 -9.33 3.06
N PRO H 104 14.53 -8.70 2.20
CA PRO H 104 15.14 -9.43 1.08
C PRO H 104 16.36 -10.24 1.49
N GLY H 105 16.49 -11.39 0.82
CA GLY H 105 17.72 -12.12 0.64
C GLY H 105 18.69 -12.17 1.79
N GLU H 106 19.95 -11.80 1.51
CA GLU H 106 21.03 -11.92 2.49
C GLU H 106 20.64 -11.28 3.82
N LEU H 107 20.05 -10.08 3.76
CA LEU H 107 19.58 -9.44 4.97
C LEU H 107 18.57 -10.31 5.69
N ALA H 108 17.63 -10.89 4.93
CA ALA H 108 16.64 -11.78 5.54
C ALA H 108 17.31 -12.94 6.26
N LYS H 109 18.28 -13.57 5.59
CA LYS H 109 18.96 -14.72 6.18
C LYS H 109 19.67 -14.32 7.47
N HIS H 110 20.49 -13.28 7.42
CA HIS H 110 21.21 -12.88 8.62
C HIS H 110 20.27 -12.44 9.72
N ALA H 111 19.14 -11.83 9.36
CA ALA H 111 18.20 -11.38 10.37
C ALA H 111 17.57 -12.57 11.07
N VAL H 112 17.11 -13.56 10.29
CA VAL H 112 16.58 -14.77 10.86
C VAL H 112 17.62 -15.43 11.77
N SER H 113 18.87 -15.47 11.32
CA SER H 113 19.93 -16.06 12.12
C SER H 113 20.06 -15.33 13.46
N GLU H 114 20.14 -14.01 13.42
CA GLU H 114 20.30 -13.25 14.66
C GLU H 114 19.10 -13.46 15.58
N GLY H 115 17.90 -13.44 15.02
CA GLY H 115 16.73 -13.65 15.85
C GLY H 115 16.71 -15.01 16.52
N THR H 116 16.98 -16.06 15.76
CA THR H 116 17.00 -17.40 16.36
C THR H 116 18.09 -17.50 17.41
N LYS H 117 19.26 -16.96 17.13
CA LYS H 117 20.36 -17.03 18.09
C LYS H 117 19.99 -16.31 19.37
N ALA H 118 19.35 -15.15 19.26
CA ALA H 118 18.94 -14.41 20.45
C ALA H 118 17.86 -15.16 21.21
N VAL H 119 16.91 -15.77 20.49
CA VAL H 119 15.86 -16.54 21.13
C VAL H 119 16.47 -17.68 21.93
N THR H 120 17.43 -18.38 21.34
CA THR H 120 18.12 -19.44 22.07
C THR H 120 18.83 -18.88 23.29
N LYS H 121 19.72 -17.91 23.07
CA LYS H 121 20.50 -17.33 24.17
C LYS H 121 19.61 -16.80 25.29
N TYR H 122 18.34 -16.53 24.99
CA TYR H 122 17.37 -16.25 26.03
C TYR H 122 16.88 -17.55 26.67
N THR H 123 16.24 -18.40 25.88
CA THR H 123 15.51 -19.54 26.44
C THR H 123 16.44 -20.53 27.10
N SER H 124 17.36 -21.11 26.33
CA SER H 124 18.26 -22.14 26.86
C SER H 124 19.37 -21.48 27.66
N SER H 125 18.95 -20.71 28.65
CA SER H 125 19.85 -19.93 29.49
C SER H 125 19.10 -19.54 30.75
N LYS H 126 19.79 -18.85 31.65
CA LYS H 126 19.15 -18.30 32.83
C LYS H 126 18.48 -16.99 32.45
#